data_9C4O
#
_entry.id   9C4O
#
_cell.length_a   1.00
_cell.length_b   1.00
_cell.length_c   1.00
_cell.angle_alpha   90.00
_cell.angle_beta   90.00
_cell.angle_gamma   90.00
#
_symmetry.space_group_name_H-M   'P 1'
#
loop_
_entity.id
_entity.type
_entity.pdbx_description
1 polymer 'Pyrroloquinoline quinone transporter'
2 non-polymer 'CALCIUM ION'
3 non-polymer 'PYRROLOQUINOLINE QUINONE'
4 water water
#
_entity_poly.entity_id   1
_entity_poly.type   'polypeptide(L)'
_entity_poly.pdbx_seq_one_letter_code
;MSNHHHHHHHHHHENLYFQGAMDIGINSDPADEQTMIVSAAPQVVSELDTPAAVSVVDGEEMRLATPRINLSESLTGVPG
LQVQNRQNYAQDLQLSIRGFGSRSTYGIRGIRLYVDGIPATMPDGQGQTSNIDLSSVQNVEVLRGPFSALYGNASGGVMN
VTTQTGQQPPTIEASSYYGSFGSWRYGLKATGATGDGTQPGDVDYTVSTTRFTTHGYRDHSGAQKNLANAKLGVRIDEAS
KLSLIFNSVDIKADDPGGLTKAEWKANPQQAPRAEQYDTRKTIKQTQAGLRYERSLSSRDDMSVMMYAGERETTQYQSIP
MAPQLNPSHAGGVITLQRHYQGIDSRWTHRGELGVPVTFTTGLNYENMSENRKGYNNFRLNSGMPEYGQKGELRRDERNL
MWNIDPYLQTQWQLSEKLSLDAGVRYSSVWFDSNDHYVTPGNGDDSGDASYHKWLPAGSLKYAMTDAWNIYLAAGRGFET
PTINELSYRADGQSGMNLGLKPSTNDTIEIGSKTRIGDGLLSLALFQTDTDDEIVVDSSSGGRTTYKNAGKTRRQGAELA
WDQRFAGDFRVNASWTWLDATYRSNVCNEQDCNGNRMPGIARNMGFASIGYVPEDGWYAGTEARYMGDIMADDENTAKAP
SYTLVGLFTGYKYNYHNLTVDLFGRVDNLFDKEYVGSVIVNESNGRYYEPSPGRNYGVGMNIAWRFE
;
_entity_poly.pdbx_strand_id   A
#
loop_
_chem_comp.id
_chem_comp.type
_chem_comp.name
_chem_comp.formula
CA non-polymer 'CALCIUM ION' 'Ca 2'
PQQ non-polymer 'PYRROLOQUINOLINE QUINONE' 'C14 H6 N2 O8'
#
# COMPACT_ATOMS: atom_id res chain seq x y z
N SER A 46 14.72 3.11 16.21
CA SER A 46 15.46 2.05 15.55
C SER A 46 14.60 0.80 15.41
N GLU A 47 14.86 0.02 14.36
CA GLU A 47 14.13 -1.24 14.19
C GLU A 47 14.33 -2.14 15.39
N LEU A 48 15.58 -2.28 15.85
CA LEU A 48 15.87 -3.14 16.98
C LEU A 48 15.16 -2.66 18.24
N ASP A 49 15.02 -1.36 18.41
CA ASP A 49 14.42 -0.77 19.60
C ASP A 49 12.90 -0.63 19.46
N THR A 50 12.34 -0.95 18.30
CA THR A 50 10.90 -0.85 18.11
C THR A 50 10.25 -2.11 18.68
N PRO A 51 9.35 -1.99 19.66
CA PRO A 51 8.74 -3.18 20.26
C PRO A 51 7.57 -3.72 19.45
N ALA A 52 7.80 -3.87 18.14
CA ALA A 52 6.76 -4.33 17.23
C ALA A 52 7.40 -4.76 15.91
N ALA A 53 6.69 -5.56 15.13
CA ALA A 53 7.21 -6.00 13.85
C ALA A 53 7.29 -4.81 12.89
N VAL A 54 8.50 -4.30 12.67
CA VAL A 54 8.72 -3.16 11.80
C VAL A 54 9.86 -3.49 10.84
N SER A 55 9.67 -3.13 9.58
CA SER A 55 10.72 -3.21 8.58
C SER A 55 10.95 -1.83 7.99
N VAL A 56 12.20 -1.46 7.79
CA VAL A 56 12.56 -0.20 7.14
C VAL A 56 13.35 -0.55 5.89
N VAL A 57 12.77 -0.23 4.74
CA VAL A 57 13.44 -0.43 3.46
C VAL A 57 14.02 0.90 3.03
N ASP A 58 15.34 0.98 2.98
CA ASP A 58 16.01 2.22 2.64
C ASP A 58 15.78 2.57 1.18
N GLY A 59 15.63 3.88 0.91
CA GLY A 59 15.33 4.32 -0.44
C GLY A 59 16.43 4.00 -1.43
N GLU A 60 17.69 4.13 -1.02
CA GLU A 60 18.78 3.82 -1.92
C GLU A 60 18.78 2.34 -2.31
N GLU A 61 18.57 1.45 -1.34
CA GLU A 61 18.41 0.04 -1.64
C GLU A 61 17.16 -0.18 -2.50
N MET A 62 16.14 0.63 -2.28
CA MET A 62 14.92 0.56 -3.09
C MET A 62 15.21 0.93 -4.54
N ARG A 63 16.22 1.77 -4.78
CA ARG A 63 16.56 2.24 -6.11
C ARG A 63 17.76 1.51 -6.71
N LEU A 64 18.29 0.50 -6.01
CA LEU A 64 19.49 -0.19 -6.46
C LEU A 64 19.14 -1.08 -7.65
N ALA A 65 19.54 -0.64 -8.85
CA ALA A 65 19.33 -1.40 -10.07
C ALA A 65 17.87 -1.82 -10.21
N THR A 66 16.97 -0.92 -9.87
CA THR A 66 15.55 -1.21 -9.92
C THR A 66 14.86 -0.32 -10.95
N PRO A 67 13.79 -0.80 -11.56
CA PRO A 67 13.04 0.06 -12.49
C PRO A 67 12.50 1.33 -11.83
N ARG A 68 12.26 1.31 -10.52
CA ARG A 68 11.63 2.43 -9.81
C ARG A 68 10.22 2.68 -10.35
N ILE A 69 9.51 1.61 -10.67
CA ILE A 69 8.14 1.68 -11.16
C ILE A 69 7.16 1.13 -10.13
N ASN A 70 7.46 -0.05 -9.58
CA ASN A 70 6.55 -0.76 -8.71
C ASN A 70 7.20 -0.96 -7.34
N LEU A 71 6.40 -0.80 -6.29
CA LEU A 71 6.90 -1.08 -4.94
C LEU A 71 7.30 -2.53 -4.80
N SER A 72 6.69 -3.42 -5.59
CA SER A 72 7.03 -4.84 -5.53
C SER A 72 8.50 -5.08 -5.85
N GLU A 73 9.13 -4.16 -6.57
CA GLU A 73 10.54 -4.30 -6.90
C GLU A 73 11.40 -4.45 -5.66
N SER A 74 11.02 -3.78 -4.57
CA SER A 74 11.93 -3.55 -3.46
C SER A 74 11.36 -3.87 -2.09
N LEU A 75 10.05 -3.94 -1.93
CA LEU A 75 9.44 -4.31 -0.67
C LEU A 75 9.27 -5.82 -0.52
N THR A 76 9.68 -6.58 -1.53
CA THR A 76 9.50 -8.03 -1.52
C THR A 76 10.19 -8.69 -0.32
N GLY A 77 11.23 -8.06 0.21
CA GLY A 77 11.98 -8.60 1.32
C GLY A 77 11.41 -8.30 2.69
N VAL A 78 10.25 -7.65 2.78
CA VAL A 78 9.64 -7.32 4.06
C VAL A 78 8.80 -8.51 4.52
N PRO A 79 9.14 -9.18 5.63
CA PRO A 79 8.31 -10.32 6.05
C PRO A 79 6.93 -9.87 6.45
N GLY A 80 5.94 -10.70 6.16
CA GLY A 80 4.56 -10.35 6.45
C GLY A 80 3.96 -9.35 5.50
N LEU A 81 4.72 -8.86 4.52
CA LEU A 81 4.22 -7.95 3.51
C LEU A 81 4.16 -8.71 2.19
N GLN A 82 2.96 -8.93 1.70
CA GLN A 82 2.71 -9.59 0.43
C GLN A 82 2.39 -8.50 -0.59
N VAL A 83 3.23 -8.37 -1.62
CA VAL A 83 3.08 -7.35 -2.65
C VAL A 83 2.74 -8.10 -3.93
N GLN A 84 1.46 -8.13 -4.28
CA GLN A 84 1.00 -8.75 -5.51
C GLN A 84 1.07 -7.74 -6.64
N ASN A 85 1.96 -7.98 -7.60
CA ASN A 85 1.96 -7.25 -8.86
C ASN A 85 0.95 -7.89 -9.78
N ARG A 86 -0.08 -7.14 -10.15
CA ARG A 86 -1.12 -7.63 -11.04
C ARG A 86 -0.74 -7.53 -12.51
N GLN A 87 0.43 -6.97 -12.83
CA GLN A 87 0.74 -6.58 -14.21
C GLN A 87 -0.35 -5.67 -14.74
N ASN A 88 -0.85 -4.79 -13.87
CA ASN A 88 -2.04 -4.01 -14.14
C ASN A 88 -1.94 -2.72 -13.36
N TYR A 89 -1.67 -1.62 -14.06
CA TYR A 89 -1.50 -0.33 -13.43
C TYR A 89 -2.81 0.39 -13.19
N ALA A 90 -3.94 -0.20 -13.60
CA ALA A 90 -5.25 0.35 -13.23
C ALA A 90 -5.59 -0.03 -11.79
N GLN A 91 -5.71 -1.34 -11.52
CA GLN A 91 -5.92 -1.78 -10.15
C GLN A 91 -4.65 -1.62 -9.33
N ASP A 92 -3.48 -1.78 -9.95
CA ASP A 92 -2.20 -1.51 -9.31
C ASP A 92 -1.84 -2.56 -8.27
N LEU A 93 -0.66 -2.40 -7.65
CA LEU A 93 -0.16 -3.40 -6.70
C LEU A 93 -1.13 -3.59 -5.55
N GLN A 94 -1.34 -4.83 -5.15
CA GLN A 94 -2.09 -5.14 -3.95
C GLN A 94 -1.11 -5.42 -2.81
N LEU A 95 -1.16 -4.61 -1.78
CA LEU A 95 -0.31 -4.77 -0.62
C LEU A 95 -1.12 -5.33 0.54
N SER A 96 -0.62 -6.40 1.14
CA SER A 96 -1.23 -6.99 2.32
C SER A 96 -0.18 -7.11 3.41
N ILE A 97 -0.57 -6.80 4.64
CA ILE A 97 0.28 -7.00 5.80
C ILE A 97 -0.37 -8.08 6.63
N ARG A 98 0.27 -9.25 6.69
CA ARG A 98 -0.22 -10.37 7.49
C ARG A 98 -1.64 -10.74 7.08
N GLY A 99 -1.89 -10.74 5.78
CA GLY A 99 -3.17 -11.13 5.23
C GLY A 99 -4.18 -10.02 5.09
N PHE A 100 -3.99 -8.89 5.76
CA PHE A 100 -4.94 -7.80 5.71
C PHE A 100 -4.65 -6.93 4.49
N GLY A 101 -5.65 -6.78 3.62
CA GLY A 101 -5.50 -6.13 2.34
C GLY A 101 -5.60 -7.07 1.16
N SER A 102 -5.56 -8.39 1.40
CA SER A 102 -5.71 -9.35 0.32
C SER A 102 -7.09 -9.23 -0.34
N ARG A 103 -8.09 -8.71 0.36
CA ARG A 103 -9.40 -8.49 -0.25
C ARG A 103 -9.39 -7.34 -1.23
N SER A 104 -8.44 -6.42 -1.11
CA SER A 104 -8.45 -5.22 -1.93
C SER A 104 -8.44 -5.59 -3.40
N THR A 105 -9.51 -5.25 -4.10
CA THR A 105 -9.58 -5.47 -5.54
C THR A 105 -8.89 -4.37 -6.33
N TYR A 106 -8.54 -3.27 -5.68
CA TYR A 106 -7.76 -2.22 -6.31
C TYR A 106 -7.14 -1.38 -5.20
N GLY A 107 -6.01 -0.75 -5.51
CA GLY A 107 -5.30 -0.03 -4.48
C GLY A 107 -4.97 -0.94 -3.33
N ILE A 108 -5.04 -0.40 -2.12
CA ILE A 108 -4.74 -1.16 -0.92
C ILE A 108 -5.82 -0.91 0.13
N ARG A 109 -5.98 -1.90 1.00
CA ARG A 109 -6.92 -1.83 2.12
C ARG A 109 -6.31 -2.59 3.29
N GLY A 110 -6.85 -2.35 4.47
CA GLY A 110 -6.28 -2.91 5.68
C GLY A 110 -4.91 -2.40 6.04
N ILE A 111 -4.33 -1.54 5.21
CA ILE A 111 -3.04 -0.93 5.46
C ILE A 111 -3.24 0.57 5.41
N ARG A 112 -2.79 1.26 6.44
CA ARG A 112 -2.81 2.72 6.43
C ARG A 112 -1.49 3.21 5.87
N LEU A 113 -1.54 3.83 4.70
CA LEU A 113 -0.36 4.30 3.99
C LEU A 113 -0.29 5.82 4.11
N TYR A 114 0.81 6.31 4.66
CA TYR A 114 1.13 7.73 4.66
C TYR A 114 2.28 7.95 3.69
N VAL A 115 2.12 8.92 2.79
CA VAL A 115 3.17 9.31 1.87
C VAL A 115 3.58 10.72 2.26
N ASP A 116 4.73 10.83 2.93
CA ASP A 116 5.22 12.10 3.45
C ASP A 116 4.20 12.75 4.38
N GLY A 117 3.56 11.92 5.21
CA GLY A 117 2.58 12.38 6.16
C GLY A 117 1.18 12.56 5.58
N ILE A 118 1.04 12.58 4.26
CA ILE A 118 -0.26 12.69 3.63
C ILE A 118 -0.85 11.29 3.52
N PRO A 119 -1.99 11.01 4.14
CA PRO A 119 -2.56 9.66 4.04
C PRO A 119 -2.89 9.31 2.60
N ALA A 120 -2.22 8.29 2.08
CA ALA A 120 -2.69 7.65 0.86
C ALA A 120 -3.92 6.79 1.11
N THR A 121 -4.17 6.41 2.36
CA THR A 121 -5.38 5.72 2.75
C THR A 121 -6.41 6.76 3.15
N MET A 122 -7.62 6.62 2.64
CA MET A 122 -8.65 7.63 2.83
C MET A 122 -9.43 7.34 4.11
N PRO A 123 -10.32 8.23 4.53
CA PRO A 123 -11.08 7.95 5.77
C PRO A 123 -11.91 6.68 5.68
N ASP A 124 -12.24 6.22 4.48
CA ASP A 124 -12.94 4.96 4.29
C ASP A 124 -12.00 3.76 4.26
N GLY A 125 -10.72 3.96 4.51
CA GLY A 125 -9.76 2.88 4.50
C GLY A 125 -9.23 2.50 3.14
N GLN A 126 -9.69 3.15 2.08
CA GLN A 126 -9.21 2.84 0.73
C GLN A 126 -7.89 3.56 0.50
N GLY A 127 -6.89 2.84 0.04
CA GLY A 127 -5.58 3.41 -0.19
C GLY A 127 -5.07 3.21 -1.61
N GLN A 128 -4.07 4.00 -1.99
CA GLN A 128 -3.43 3.88 -3.29
C GLN A 128 -1.94 4.08 -3.11
N THR A 129 -1.14 3.23 -3.74
CA THR A 129 0.32 3.36 -3.69
C THR A 129 0.90 3.98 -4.95
N SER A 130 0.07 4.32 -5.93
CA SER A 130 0.55 4.80 -7.22
C SER A 130 1.17 6.19 -7.16
N ASN A 131 0.91 6.94 -6.11
CA ASN A 131 1.46 8.29 -5.96
C ASN A 131 2.81 8.31 -5.27
N ILE A 132 3.34 7.15 -4.88
CA ILE A 132 4.66 7.09 -4.25
C ILE A 132 5.72 7.25 -5.32
N ASP A 133 6.63 8.20 -5.10
CA ASP A 133 7.72 8.47 -6.03
C ASP A 133 8.93 7.65 -5.61
N LEU A 134 9.05 6.45 -6.17
CA LEU A 134 10.17 5.57 -5.83
C LEU A 134 11.51 6.26 -6.06
N SER A 135 11.57 7.17 -7.03
CA SER A 135 12.82 7.86 -7.33
C SER A 135 13.27 8.77 -6.20
N SER A 136 12.36 9.21 -5.34
CA SER A 136 12.66 10.19 -4.30
C SER A 136 12.42 9.67 -2.89
N VAL A 137 12.13 8.37 -2.73
CA VAL A 137 11.85 7.84 -1.39
C VAL A 137 13.14 7.75 -0.61
N GLN A 138 13.14 8.34 0.60
CA GLN A 138 14.24 8.13 1.54
C GLN A 138 14.17 6.72 2.13
N ASN A 139 13.01 6.35 2.67
CA ASN A 139 12.80 5.02 3.20
C ASN A 139 11.31 4.75 3.27
N VAL A 140 10.98 3.46 3.35
CA VAL A 140 9.62 2.99 3.56
C VAL A 140 9.59 2.23 4.88
N GLU A 141 8.82 2.72 5.83
CA GLU A 141 8.62 2.04 7.10
C GLU A 141 7.31 1.27 7.04
N VAL A 142 7.41 -0.05 7.14
CA VAL A 142 6.25 -0.93 7.21
C VAL A 142 6.12 -1.38 8.65
N LEU A 143 5.06 -0.92 9.32
CA LEU A 143 4.72 -1.35 10.66
C LEU A 143 3.63 -2.41 10.55
N ARG A 144 3.91 -3.60 11.07
CA ARG A 144 2.99 -4.73 10.95
C ARG A 144 2.23 -4.88 12.26
N GLY A 145 0.91 -4.73 12.19
CA GLY A 145 0.07 -4.81 13.35
C GLY A 145 -0.39 -3.44 13.82
N PRO A 146 -1.58 -3.37 14.43
CA PRO A 146 -2.08 -2.09 14.98
C PRO A 146 -1.53 -1.83 16.38
N PHE A 147 -0.21 -1.70 16.48
CA PHE A 147 0.47 -1.62 17.76
C PHE A 147 0.85 -0.19 18.15
N SER A 148 0.34 0.80 17.43
CA SER A 148 0.60 2.19 17.74
C SER A 148 -0.67 3.00 17.57
N ALA A 149 -0.95 3.85 18.55
CA ALA A 149 -2.05 4.80 18.45
C ALA A 149 -1.69 6.03 17.64
N LEU A 150 -0.44 6.14 17.17
CA LEU A 150 0.05 7.29 16.44
C LEU A 150 -0.25 7.22 14.96
N TYR A 151 -1.01 6.21 14.53
CA TYR A 151 -1.44 6.09 13.15
C TYR A 151 -2.92 5.75 13.14
N GLY A 152 -3.60 6.13 12.08
CA GLY A 152 -5.02 5.85 11.96
C GLY A 152 -5.31 4.36 12.01
N ASN A 153 -6.59 4.02 12.14
CA ASN A 153 -6.97 2.63 12.25
C ASN A 153 -6.55 1.84 11.02
N ALA A 154 -6.08 0.62 11.25
CA ALA A 154 -5.76 -0.30 10.17
C ALA A 154 -5.76 -1.71 10.73
N SER A 155 -6.30 -2.65 9.96
CA SER A 155 -6.31 -4.04 10.40
C SER A 155 -4.94 -4.68 10.24
N GLY A 156 -4.23 -4.36 9.16
CA GLY A 156 -2.98 -5.02 8.86
C GLY A 156 -1.75 -4.32 9.43
N GLY A 157 -1.62 -3.04 9.14
CA GLY A 157 -0.46 -2.30 9.58
C GLY A 157 -0.40 -0.96 8.91
N VAL A 158 0.73 -0.29 9.13
CA VAL A 158 0.96 1.07 8.66
C VAL A 158 2.23 1.06 7.81
N MET A 159 2.17 1.73 6.66
CA MET A 159 3.32 1.97 5.82
C MET A 159 3.56 3.46 5.75
N ASN A 160 4.75 3.90 6.17
CA ASN A 160 5.16 5.29 6.09
C ASN A 160 6.22 5.43 5.01
N VAL A 161 5.93 6.23 4.00
CA VAL A 161 6.87 6.54 2.94
C VAL A 161 7.29 8.00 3.14
N THR A 162 8.55 8.21 3.47
CA THR A 162 9.10 9.54 3.58
C THR A 162 9.93 9.84 2.34
N THR A 163 9.75 11.02 1.78
CA THR A 163 10.57 11.44 0.67
C THR A 163 11.92 11.92 1.18
N GLN A 164 12.95 11.81 0.33
CA GLN A 164 14.26 12.32 0.69
C GLN A 164 14.17 13.79 1.06
N THR A 165 14.84 14.15 2.14
CA THR A 165 15.06 15.54 2.48
C THR A 165 16.27 16.03 1.69
N GLY A 166 16.10 17.16 1.02
CA GLY A 166 17.22 17.77 0.33
C GLY A 166 18.38 18.04 1.28
N GLN A 167 19.57 17.67 0.83
CA GLN A 167 20.79 17.86 1.61
C GLN A 167 21.85 18.44 0.69
N GLN A 168 22.95 18.83 1.27
CA GLN A 168 24.05 19.26 0.43
C GLN A 168 24.93 18.07 0.06
N PRO A 169 25.56 18.10 -1.13
CA PRO A 169 25.48 19.16 -2.14
C PRO A 169 24.20 19.05 -2.95
N PRO A 170 23.74 20.13 -3.58
CA PRO A 170 22.64 20.00 -4.52
C PRO A 170 23.00 19.01 -5.62
N THR A 171 22.02 18.21 -6.03
CA THR A 171 22.23 17.17 -7.02
C THR A 171 21.06 17.16 -7.97
N ILE A 172 21.35 17.02 -9.25
CA ILE A 172 20.34 16.77 -10.26
C ILE A 172 20.59 15.37 -10.81
N GLU A 173 19.59 14.52 -10.73
CA GLU A 173 19.73 13.12 -11.11
C GLU A 173 18.69 12.81 -12.17
N ALA A 174 19.15 12.55 -13.38
CA ALA A 174 18.32 12.03 -14.46
C ALA A 174 18.41 10.52 -14.44
N SER A 175 17.28 9.88 -14.18
CA SER A 175 17.21 8.43 -14.16
C SER A 175 16.40 8.00 -15.36
N SER A 176 16.79 6.88 -15.96
CA SER A 176 16.04 6.27 -17.04
C SER A 176 16.15 4.76 -16.90
N TYR A 177 15.15 4.08 -17.44
CA TYR A 177 15.06 2.63 -17.35
C TYR A 177 14.20 2.15 -18.49
N TYR A 178 14.72 1.18 -19.23
CA TYR A 178 13.98 0.52 -20.28
C TYR A 178 13.93 -0.96 -19.98
N GLY A 179 12.72 -1.51 -19.88
CA GLY A 179 12.52 -2.90 -19.57
C GLY A 179 11.56 -3.54 -20.55
N SER A 180 11.44 -4.86 -20.41
CA SER A 180 10.61 -5.66 -21.30
C SER A 180 9.21 -5.06 -21.41
N PHE A 181 8.54 -5.37 -22.51
CA PHE A 181 7.18 -4.93 -22.75
C PHE A 181 7.13 -3.42 -22.95
N GLY A 182 8.16 -2.88 -23.59
CA GLY A 182 8.22 -1.46 -23.87
C GLY A 182 8.12 -0.62 -22.62
N SER A 183 8.56 -1.15 -21.49
CA SER A 183 8.57 -0.37 -20.27
C SER A 183 9.67 0.68 -20.35
N TRP A 184 9.32 1.91 -20.02
CA TRP A 184 10.26 3.02 -20.09
C TRP A 184 9.89 4.02 -19.01
N ARG A 185 10.75 4.16 -17.99
CA ARG A 185 10.58 5.16 -16.96
C ARG A 185 11.79 6.06 -16.96
N TYR A 186 11.58 7.35 -17.18
CA TYR A 186 12.61 8.33 -16.96
C TYR A 186 12.12 9.34 -15.93
N GLY A 187 13.06 10.11 -15.41
CA GLY A 187 12.74 11.05 -14.36
C GLY A 187 13.89 11.98 -14.08
N LEU A 188 13.55 13.14 -13.54
CA LEU A 188 14.49 14.15 -13.11
C LEU A 188 14.25 14.42 -11.64
N LYS A 189 15.33 14.42 -10.85
CA LYS A 189 15.23 14.67 -9.42
C LYS A 189 16.28 15.69 -9.03
N ALA A 190 15.83 16.88 -8.66
CA ALA A 190 16.68 17.91 -8.09
C ALA A 190 16.52 17.91 -6.58
N THR A 191 17.58 17.56 -5.87
CA THR A 191 17.56 17.46 -4.43
C THR A 191 18.73 18.24 -3.86
N GLY A 192 18.44 19.21 -3.01
CA GLY A 192 19.51 20.02 -2.46
C GLY A 192 19.06 20.75 -1.22
N ALA A 193 19.94 21.61 -0.74
CA ALA A 193 19.63 22.42 0.43
C ALA A 193 20.52 23.65 0.42
N THR A 194 20.06 24.71 1.10
CA THR A 194 20.83 25.93 1.19
C THR A 194 21.76 25.97 2.39
N GLY A 195 21.68 25.00 3.27
CA GLY A 195 22.54 24.95 4.45
C GLY A 195 22.51 23.57 5.05
N ASP A 196 22.88 23.50 6.33
CA ASP A 196 22.81 22.25 7.07
C ASP A 196 21.40 21.94 7.58
N GLY A 197 20.46 22.88 7.43
CA GLY A 197 19.12 22.71 7.92
C GLY A 197 18.92 23.13 9.36
N THR A 198 19.99 23.43 10.08
CA THR A 198 19.91 23.82 11.48
C THR A 198 19.75 25.32 11.68
N GLN A 199 19.85 26.12 10.63
CA GLN A 199 19.76 27.56 10.76
C GLN A 199 18.42 28.06 10.22
N PRO A 200 17.90 29.15 10.78
CA PRO A 200 16.67 29.73 10.20
C PRO A 200 16.86 30.07 8.75
N GLY A 201 15.82 29.82 7.95
CA GLY A 201 15.87 30.07 6.53
C GLY A 201 16.60 29.01 5.74
N ASP A 202 17.22 28.03 6.38
CA ASP A 202 17.84 26.93 5.65
C ASP A 202 16.75 26.13 4.95
N VAL A 203 16.87 26.02 3.63
CA VAL A 203 15.86 25.37 2.80
C VAL A 203 16.42 24.05 2.29
N ASP A 204 15.60 23.01 2.38
CA ASP A 204 15.86 21.74 1.73
C ASP A 204 14.78 21.56 0.67
N TYR A 205 15.13 20.91 -0.43
CA TYR A 205 14.18 20.68 -1.50
C TYR A 205 14.49 19.35 -2.16
N THR A 206 13.42 18.65 -2.53
CA THR A 206 13.49 17.39 -3.26
C THR A 206 12.37 17.42 -4.28
N VAL A 207 12.67 17.85 -5.50
CA VAL A 207 11.69 17.88 -6.59
C VAL A 207 12.01 16.70 -7.49
N SER A 208 10.99 15.92 -7.83
CA SER A 208 11.23 14.68 -8.56
C SER A 208 10.04 14.42 -9.46
N THR A 209 10.29 14.41 -10.76
CA THR A 209 9.25 14.13 -11.74
C THR A 209 9.67 12.91 -12.56
N THR A 210 8.75 11.98 -12.71
CA THR A 210 8.98 10.77 -13.50
C THR A 210 7.86 10.61 -14.51
N ARG A 211 8.22 10.12 -15.68
CA ARG A 211 7.27 9.63 -16.67
C ARG A 211 7.57 8.16 -16.89
N PHE A 212 6.56 7.33 -16.71
CA PHE A 212 6.63 5.90 -16.97
C PHE A 212 5.60 5.57 -18.04
N THR A 213 6.00 4.75 -19.00
CA THR A 213 5.07 4.19 -19.97
C THR A 213 5.41 2.71 -20.13
N THR A 214 4.41 1.94 -20.52
CA THR A 214 4.63 0.54 -20.80
C THR A 214 3.53 0.07 -21.73
N HIS A 215 3.87 -0.87 -22.60
CA HIS A 215 2.87 -1.58 -23.37
C HIS A 215 2.20 -2.66 -22.53
N GLY A 216 2.83 -3.07 -21.43
CA GLY A 216 2.31 -4.10 -20.56
C GLY A 216 2.67 -5.50 -21.02
N TYR A 217 2.95 -6.38 -20.07
CA TYR A 217 3.11 -7.79 -20.39
C TYR A 217 1.81 -8.37 -20.92
N ARG A 218 0.72 -8.12 -20.22
CA ARG A 218 -0.60 -8.58 -20.65
C ARG A 218 -1.08 -7.76 -21.83
N ASP A 219 -1.99 -8.34 -22.61
CA ASP A 219 -2.74 -7.56 -23.55
C ASP A 219 -3.60 -6.54 -22.80
N HIS A 220 -3.84 -5.40 -23.44
CA HIS A 220 -4.66 -4.34 -22.87
C HIS A 220 -4.22 -4.02 -21.45
N SER A 221 -2.93 -3.79 -21.30
CA SER A 221 -2.38 -3.40 -20.00
C SER A 221 -1.37 -2.28 -20.14
N GLY A 222 -1.27 -1.63 -21.30
CA GLY A 222 -0.38 -0.49 -21.42
C GLY A 222 -0.79 0.60 -20.45
N ALA A 223 0.22 1.28 -19.89
CA ALA A 223 -0.04 2.29 -18.88
C ALA A 223 0.94 3.44 -19.06
N GLN A 224 0.51 4.61 -18.61
CA GLN A 224 1.34 5.81 -18.55
C GLN A 224 1.11 6.45 -17.20
N LYS A 225 2.20 6.72 -16.47
CA LYS A 225 2.13 7.40 -15.20
C LYS A 225 3.09 8.58 -15.19
N ASN A 226 2.55 9.77 -15.03
CA ASN A 226 3.34 10.97 -14.78
C ASN A 226 3.26 11.26 -13.29
N LEU A 227 4.41 11.34 -12.64
CA LEU A 227 4.47 11.56 -11.21
C LEU A 227 5.34 12.79 -10.94
N ALA A 228 4.89 13.65 -10.05
CA ALA A 228 5.66 14.78 -9.58
C ALA A 228 5.60 14.77 -8.06
N ASN A 229 6.72 15.07 -7.42
CA ASN A 229 6.82 14.94 -5.97
C ASN A 229 7.84 15.94 -5.48
N ALA A 230 7.39 16.96 -4.78
CA ALA A 230 8.25 17.99 -4.21
C ALA A 230 8.14 17.93 -2.69
N LYS A 231 9.28 17.86 -2.03
CA LYS A 231 9.36 18.00 -0.59
C LYS A 231 10.27 19.19 -0.30
N LEU A 232 9.68 20.30 0.08
CA LEU A 232 10.40 21.49 0.48
C LEU A 232 10.38 21.57 2.00
N GLY A 233 11.44 22.11 2.56
CA GLY A 233 11.48 22.36 3.99
C GLY A 233 12.22 23.65 4.23
N VAL A 234 11.74 24.40 5.20
CA VAL A 234 12.39 25.63 5.62
C VAL A 234 12.37 25.68 7.14
N ARG A 235 13.54 25.85 7.74
CA ARG A 235 13.60 26.08 9.17
C ARG A 235 13.16 27.50 9.46
N ILE A 236 11.97 27.65 10.05
CA ILE A 236 11.48 28.98 10.39
C ILE A 236 12.40 29.63 11.40
N ASP A 237 12.76 28.91 12.46
CA ASP A 237 13.70 29.37 13.45
C ASP A 237 14.31 28.15 14.13
N GLU A 238 15.13 28.39 15.15
CA GLU A 238 15.79 27.28 15.83
C GLU A 238 14.77 26.26 16.33
N ALA A 239 13.57 26.71 16.69
CA ALA A 239 12.59 25.83 17.30
C ALA A 239 11.66 25.17 16.30
N SER A 240 11.48 25.73 15.10
CA SER A 240 10.42 25.29 14.21
C SER A 240 10.93 25.04 12.80
N LYS A 241 10.19 24.19 12.09
CA LYS A 241 10.51 23.75 10.75
C LYS A 241 9.20 23.52 10.01
N LEU A 242 9.05 24.16 8.85
CA LEU A 242 7.91 23.98 7.98
C LEU A 242 8.31 23.07 6.83
N SER A 243 7.40 22.22 6.40
CA SER A 243 7.65 21.30 5.30
C SER A 243 6.46 21.29 4.36
N LEU A 244 6.73 21.59 3.10
CA LEU A 244 5.75 21.53 2.03
C LEU A 244 5.91 20.18 1.33
N ILE A 245 4.80 19.51 1.11
CA ILE A 245 4.74 18.33 0.25
C ILE A 245 3.80 18.66 -0.88
N PHE A 246 4.24 18.41 -2.10
CA PHE A 246 3.38 18.41 -3.27
C PHE A 246 3.54 17.06 -3.94
N ASN A 247 2.44 16.41 -4.26
CA ASN A 247 2.48 15.15 -4.95
C ASN A 247 1.40 15.17 -6.02
N SER A 248 1.75 14.70 -7.20
CA SER A 248 0.84 14.69 -8.32
C SER A 248 1.10 13.42 -9.12
N VAL A 249 0.03 12.78 -9.57
CA VAL A 249 0.14 11.55 -10.33
C VAL A 249 -1.01 11.51 -11.32
N ASP A 250 -0.67 11.40 -12.60
CA ASP A 250 -1.63 11.20 -13.68
C ASP A 250 -1.36 9.85 -14.28
N ILE A 251 -2.35 8.97 -14.24
CA ILE A 251 -2.23 7.61 -14.76
C ILE A 251 -3.28 7.40 -15.83
N LYS A 252 -2.87 6.77 -16.92
CA LYS A 252 -3.79 6.19 -17.90
C LYS A 252 -3.34 4.75 -18.10
N ALA A 253 -4.07 3.81 -17.49
CA ALA A 253 -3.67 2.41 -17.49
C ALA A 253 -4.80 1.55 -18.01
N ASP A 254 -4.54 0.76 -19.03
CA ASP A 254 -5.48 -0.26 -19.45
C ASP A 254 -5.58 -1.34 -18.39
N ASP A 255 -6.79 -1.88 -18.20
CA ASP A 255 -7.02 -2.91 -17.21
C ASP A 255 -7.15 -4.26 -17.92
N PRO A 256 -6.15 -5.15 -17.84
CA PRO A 256 -6.25 -6.44 -18.53
C PRO A 256 -7.25 -7.40 -17.90
N GLY A 257 -7.58 -7.23 -16.63
CA GLY A 257 -8.52 -8.11 -15.97
C GLY A 257 -7.89 -9.45 -15.61
N GLY A 258 -8.74 -10.34 -15.10
CA GLY A 258 -8.31 -11.66 -14.69
C GLY A 258 -8.57 -12.70 -15.76
N LEU A 259 -7.84 -13.80 -15.66
CA LEU A 259 -7.99 -14.92 -16.57
C LEU A 259 -8.44 -16.15 -15.81
N THR A 260 -9.24 -16.98 -16.46
CA THR A 260 -9.51 -18.30 -15.92
C THR A 260 -8.24 -19.13 -15.96
N LYS A 261 -8.27 -20.25 -15.23
CA LYS A 261 -7.12 -21.15 -15.25
C LYS A 261 -6.79 -21.57 -16.66
N ALA A 262 -7.80 -21.97 -17.43
CA ALA A 262 -7.57 -22.39 -18.81
C ALA A 262 -7.02 -21.24 -19.65
N GLU A 263 -7.55 -20.04 -19.47
CA GLU A 263 -7.05 -18.88 -20.21
C GLU A 263 -5.58 -18.62 -19.87
N TRP A 264 -5.25 -18.63 -18.58
CA TRP A 264 -3.87 -18.40 -18.17
C TRP A 264 -2.94 -19.47 -18.73
N LYS A 265 -3.37 -20.73 -18.68
CA LYS A 265 -2.54 -21.81 -19.21
C LYS A 265 -2.32 -21.66 -20.71
N ALA A 266 -3.39 -21.36 -21.44
CA ALA A 266 -3.30 -21.29 -22.90
C ALA A 266 -2.48 -20.10 -23.36
N ASN A 267 -2.72 -18.93 -22.79
CA ASN A 267 -2.05 -17.70 -23.19
C ASN A 267 -2.07 -16.71 -22.04
N PRO A 268 -1.02 -16.67 -21.22
CA PRO A 268 -1.06 -15.77 -20.05
C PRO A 268 -1.17 -14.30 -20.41
N GLN A 269 -0.78 -13.90 -21.62
CA GLN A 269 -0.82 -12.49 -21.97
C GLN A 269 -2.20 -12.02 -22.38
N GLN A 270 -3.11 -12.93 -22.69
CA GLN A 270 -4.41 -12.55 -23.23
C GLN A 270 -5.22 -11.76 -22.21
N ALA A 271 -6.10 -10.90 -22.72
CA ALA A 271 -7.00 -10.10 -21.89
C ALA A 271 -8.30 -9.90 -22.65
N PRO A 272 -9.06 -10.98 -22.86
CA PRO A 272 -10.23 -10.89 -23.77
C PRO A 272 -11.30 -9.92 -23.30
N ARG A 273 -11.67 -9.97 -22.02
CA ARG A 273 -12.65 -9.02 -21.50
C ARG A 273 -12.11 -7.60 -21.59
N ALA A 274 -10.82 -7.41 -21.32
CA ALA A 274 -10.22 -6.09 -21.43
C ALA A 274 -10.38 -5.54 -22.84
N GLU A 275 -10.17 -6.38 -23.86
CA GLU A 275 -10.39 -5.94 -25.23
C GLU A 275 -11.86 -5.60 -25.47
N GLN A 276 -12.75 -6.53 -25.11
CA GLN A 276 -14.17 -6.34 -25.40
C GLN A 276 -14.70 -5.06 -24.78
N TYR A 277 -14.39 -4.84 -23.50
CA TYR A 277 -14.93 -3.72 -22.76
C TYR A 277 -14.01 -2.51 -22.73
N ASP A 278 -12.80 -2.63 -23.27
CA ASP A 278 -11.84 -1.54 -23.22
C ASP A 278 -11.64 -1.08 -21.78
N THR A 279 -11.57 -2.04 -20.87
CA THR A 279 -11.44 -1.71 -19.46
C THR A 279 -10.18 -0.88 -19.24
N ARG A 280 -10.33 0.25 -18.56
CA ARG A 280 -9.21 1.16 -18.44
C ARG A 280 -9.47 2.11 -17.29
N LYS A 281 -8.43 2.81 -16.88
CA LYS A 281 -8.52 3.70 -15.74
C LYS A 281 -7.67 4.94 -15.98
N THR A 282 -8.27 6.09 -15.74
CA THR A 282 -7.56 7.35 -15.65
C THR A 282 -7.58 7.81 -14.20
N ILE A 283 -6.42 8.23 -13.70
CA ILE A 283 -6.28 8.79 -12.38
C ILE A 283 -5.58 10.14 -12.52
N LYS A 284 -6.03 11.11 -11.74
CA LYS A 284 -5.37 12.40 -11.61
C LYS A 284 -5.47 12.81 -10.16
N GLN A 285 -4.40 12.58 -9.41
CA GLN A 285 -4.38 12.90 -7.99
C GLN A 285 -3.33 13.96 -7.73
N THR A 286 -3.74 15.06 -7.12
CA THR A 286 -2.84 16.12 -6.71
C THR A 286 -3.12 16.44 -5.25
N GLN A 287 -2.08 16.34 -4.42
CA GLN A 287 -2.20 16.60 -3.00
C GLN A 287 -1.06 17.50 -2.57
N ALA A 288 -1.35 18.34 -1.57
CA ALA A 288 -0.35 19.16 -0.93
C ALA A 288 -0.45 18.92 0.57
N GLY A 289 0.65 19.19 1.27
CA GLY A 289 0.72 18.98 2.69
C GLY A 289 1.64 19.98 3.33
N LEU A 290 1.22 20.48 4.48
CA LEU A 290 2.00 21.38 5.33
C LEU A 290 2.28 20.65 6.62
N ARG A 291 3.55 20.44 6.93
CA ARG A 291 3.96 19.88 8.21
C ARG A 291 4.73 20.94 8.97
N TYR A 292 4.13 21.44 10.05
CA TYR A 292 4.78 22.39 10.93
C TYR A 292 5.23 21.64 12.18
N GLU A 293 6.53 21.62 12.42
CA GLU A 293 7.08 21.01 13.62
C GLU A 293 7.70 22.11 14.45
N ARG A 294 7.45 22.08 15.76
CA ARG A 294 8.04 23.04 16.66
C ARG A 294 8.51 22.34 17.92
N SER A 295 9.53 22.89 18.55
CA SER A 295 9.95 22.49 19.88
C SER A 295 9.47 23.56 20.85
N LEU A 296 8.51 23.20 21.70
CA LEU A 296 7.99 24.14 22.68
C LEU A 296 8.85 24.20 23.93
N SER A 297 9.74 23.24 24.13
CA SER A 297 10.62 23.17 25.28
C SER A 297 11.58 22.02 25.05
N SER A 298 12.50 21.83 25.99
CA SER A 298 13.41 20.69 25.88
C SER A 298 12.67 19.37 25.95
N ARG A 299 11.53 19.34 26.65
CA ARG A 299 10.77 18.12 26.84
C ARG A 299 9.53 18.04 25.97
N ASP A 300 9.18 19.12 25.27
CA ASP A 300 7.92 19.19 24.53
C ASP A 300 8.18 19.53 23.08
N ASP A 301 7.46 18.84 22.19
CA ASP A 301 7.45 19.10 20.77
C ASP A 301 6.00 19.07 20.30
N MET A 302 5.73 19.80 19.23
CA MET A 302 4.42 19.79 18.62
C MET A 302 4.60 19.61 17.13
N SER A 303 3.59 19.00 16.51
CA SER A 303 3.62 18.72 15.09
C SER A 303 2.20 18.81 14.55
N VAL A 304 2.01 19.67 13.57
CA VAL A 304 0.74 19.79 12.86
C VAL A 304 0.97 19.43 11.42
N MET A 305 0.32 18.37 10.96
CA MET A 305 0.38 17.94 9.58
C MET A 305 -0.99 18.11 8.95
N MET A 306 -1.14 19.13 8.12
CA MET A 306 -2.36 19.34 7.37
C MET A 306 -2.08 18.95 5.93
N TYR A 307 -3.13 18.55 5.22
CA TYR A 307 -3.00 18.11 3.85
C TYR A 307 -4.34 18.31 3.16
N ALA A 308 -4.27 18.45 1.84
CA ALA A 308 -5.46 18.50 1.00
C ALA A 308 -5.08 18.01 -0.37
N GLY A 309 -5.85 17.06 -0.88
CA GLY A 309 -5.63 16.54 -2.21
C GLY A 309 -6.95 16.24 -2.88
N GLU A 310 -6.84 15.98 -4.19
CA GLU A 310 -7.98 15.70 -5.05
C GLU A 310 -7.58 14.56 -5.96
N ARG A 311 -8.38 13.51 -5.98
CA ARG A 311 -8.17 12.36 -6.85
C ARG A 311 -9.36 12.24 -7.77
N GLU A 312 -9.11 12.33 -9.07
CA GLU A 312 -10.13 12.13 -10.07
C GLU A 312 -9.86 10.79 -10.75
N THR A 313 -10.85 9.91 -10.70
CA THR A 313 -10.74 8.56 -11.22
C THR A 313 -11.82 8.35 -12.26
N THR A 314 -11.47 7.73 -13.37
CA THR A 314 -12.43 7.13 -14.27
C THR A 314 -12.01 5.69 -14.46
N GLN A 315 -12.95 4.77 -14.31
CA GLN A 315 -12.67 3.35 -14.43
C GLN A 315 -13.77 2.73 -15.28
N TYR A 316 -13.41 2.33 -16.50
CA TYR A 316 -14.26 1.54 -17.36
C TYR A 316 -14.04 0.07 -17.03
N GLN A 317 -15.11 -0.61 -16.66
CA GLN A 317 -15.10 -1.98 -16.19
C GLN A 317 -15.69 -2.91 -17.25
N SER A 318 -15.60 -4.21 -16.98
CA SER A 318 -16.04 -5.23 -17.92
C SER A 318 -17.39 -5.82 -17.56
N ILE A 319 -18.29 -5.02 -17.00
CA ILE A 319 -19.64 -5.47 -16.67
C ILE A 319 -20.45 -5.55 -17.97
N PRO A 320 -21.01 -6.70 -18.31
CA PRO A 320 -21.83 -6.77 -19.53
C PRO A 320 -23.09 -5.91 -19.41
N MET A 321 -23.74 -5.70 -20.55
CA MET A 321 -24.94 -4.87 -20.56
C MET A 321 -26.04 -5.48 -19.69
N ALA A 322 -26.21 -6.80 -19.74
CA ALA A 322 -27.33 -7.49 -19.11
C ALA A 322 -27.54 -7.04 -17.67
N PRO A 323 -26.55 -7.18 -16.78
CA PRO A 323 -26.78 -6.72 -15.40
C PRO A 323 -27.09 -5.23 -15.31
N GLN A 324 -26.52 -4.42 -16.21
CA GLN A 324 -26.81 -3.00 -16.21
C GLN A 324 -28.21 -2.68 -16.71
N LEU A 325 -28.89 -3.63 -17.34
CA LEU A 325 -30.28 -3.39 -17.71
C LEU A 325 -31.18 -3.28 -16.49
N ASN A 326 -30.73 -3.81 -15.36
CA ASN A 326 -31.44 -3.60 -14.11
C ASN A 326 -31.37 -2.13 -13.71
N PRO A 327 -32.50 -1.46 -13.48
CA PRO A 327 -32.44 -0.03 -13.12
C PRO A 327 -31.64 0.24 -11.86
N SER A 328 -31.58 -0.72 -10.94
CA SER A 328 -30.83 -0.54 -9.71
C SER A 328 -29.32 -0.63 -9.92
N HIS A 329 -28.88 -1.08 -11.09
CA HIS A 329 -27.45 -1.23 -11.35
C HIS A 329 -26.79 0.14 -11.51
N ALA A 330 -25.52 0.21 -11.10
CA ALA A 330 -24.75 1.45 -11.16
C ALA A 330 -23.97 1.61 -12.45
N GLY A 331 -24.15 0.73 -13.44
CA GLY A 331 -23.44 0.83 -14.70
C GLY A 331 -22.07 0.17 -14.65
N GLY A 332 -21.33 0.35 -15.73
CA GLY A 332 -20.00 -0.22 -15.87
C GLY A 332 -18.85 0.78 -15.85
N VAL A 333 -19.12 2.07 -15.69
CA VAL A 333 -18.09 3.09 -15.61
C VAL A 333 -18.26 3.84 -14.31
N ILE A 334 -17.16 4.06 -13.61
CA ILE A 334 -17.14 4.86 -12.40
C ILE A 334 -16.34 6.13 -12.68
N THR A 335 -16.91 7.27 -12.34
CA THR A 335 -16.18 8.53 -12.27
C THR A 335 -16.23 9.01 -10.83
N LEU A 336 -15.07 9.24 -10.25
CA LEU A 336 -14.95 9.57 -8.85
C LEU A 336 -14.14 10.84 -8.73
N GLN A 337 -14.63 11.79 -7.95
CA GLN A 337 -13.87 12.98 -7.60
C GLN A 337 -13.79 13.03 -6.08
N ARG A 338 -12.65 12.62 -5.53
CA ARG A 338 -12.43 12.60 -4.10
C ARG A 338 -11.62 13.81 -3.68
N HIS A 339 -12.20 14.65 -2.84
CA HIS A 339 -11.48 15.75 -2.21
C HIS A 339 -11.21 15.36 -0.77
N TYR A 340 -9.96 15.15 -0.44
CA TYR A 340 -9.59 14.77 0.91
C TYR A 340 -8.78 15.88 1.53
N GLN A 341 -9.02 16.13 2.80
CA GLN A 341 -8.17 17.02 3.57
C GLN A 341 -8.00 16.39 4.94
N GLY A 342 -7.07 16.93 5.69
CA GLY A 342 -6.90 16.49 7.07
C GLY A 342 -5.92 17.36 7.80
N ILE A 343 -5.97 17.25 9.11
CA ILE A 343 -5.06 17.93 10.01
C ILE A 343 -4.83 17.02 11.21
N ASP A 344 -3.58 16.64 11.43
CA ASP A 344 -3.18 15.83 12.57
C ASP A 344 -2.26 16.69 13.43
N SER A 345 -2.74 17.07 14.59
CA SER A 345 -1.98 17.89 15.52
C SER A 345 -1.64 17.07 16.74
N ARG A 346 -0.35 16.92 17.01
CA ARG A 346 0.09 16.09 18.12
C ARG A 346 1.13 16.83 18.95
N TRP A 347 1.14 16.51 20.24
CA TRP A 347 2.07 17.06 21.21
C TRP A 347 2.81 15.89 21.84
N THR A 348 4.13 15.92 21.78
CA THR A 348 4.98 14.90 22.40
C THR A 348 5.66 15.54 23.60
N HIS A 349 5.49 14.93 24.77
CA HIS A 349 6.10 15.37 26.00
C HIS A 349 6.99 14.25 26.55
N ARG A 350 8.22 14.60 26.90
CA ARG A 350 9.19 13.64 27.41
C ARG A 350 9.42 13.97 28.88
N GLY A 351 8.59 13.42 29.77
CA GLY A 351 8.64 13.75 31.18
C GLY A 351 8.92 12.52 32.02
N GLU A 352 8.50 12.59 33.28
CA GLU A 352 8.69 11.48 34.21
C GLU A 352 7.51 11.43 35.16
N LEU A 353 6.81 10.30 35.17
CA LEU A 353 5.73 10.04 36.11
C LEU A 353 6.09 8.76 36.84
N GLY A 354 6.88 8.89 37.91
CA GLY A 354 7.42 7.73 38.60
C GLY A 354 8.64 7.20 37.86
N VAL A 355 8.50 6.99 36.56
CA VAL A 355 9.58 6.56 35.69
C VAL A 355 9.58 7.48 34.47
N PRO A 356 10.66 7.53 33.70
CA PRO A 356 10.63 8.29 32.45
C PRO A 356 9.48 7.83 31.57
N VAL A 357 8.77 8.79 30.98
CA VAL A 357 7.60 8.51 30.17
C VAL A 357 7.53 9.53 29.06
N THR A 358 7.52 9.07 27.82
CA THR A 358 7.30 9.90 26.65
C THR A 358 5.90 9.66 26.15
N PHE A 359 5.05 10.69 26.14
CA PHE A 359 3.70 10.55 25.63
C PHE A 359 3.46 11.51 24.49
N THR A 360 2.94 10.96 23.39
CA THR A 360 2.48 11.73 22.24
C THR A 360 0.96 11.66 22.23
N THR A 361 0.32 12.78 22.54
CA THR A 361 -1.14 12.88 22.49
C THR A 361 -1.52 13.80 21.36
N GLY A 362 -2.49 13.38 20.55
CA GLY A 362 -2.84 14.19 19.41
C GLY A 362 -4.29 14.03 19.02
N LEU A 363 -4.69 14.86 18.08
CA LEU A 363 -6.00 14.82 17.47
C LEU A 363 -5.83 14.76 15.97
N ASN A 364 -6.41 13.74 15.35
CA ASN A 364 -6.31 13.53 13.91
C ASN A 364 -7.68 13.73 13.28
N TYR A 365 -7.74 14.59 12.28
CA TYR A 365 -8.95 14.82 11.51
C TYR A 365 -8.64 14.50 10.06
N GLU A 366 -9.45 13.65 9.46
CA GLU A 366 -9.30 13.33 8.05
C GLU A 366 -10.69 13.32 7.43
N ASN A 367 -10.93 14.21 6.49
CA ASN A 367 -12.20 14.31 5.80
C ASN A 367 -12.02 13.97 4.34
N MET A 368 -13.04 13.37 3.75
CA MET A 368 -13.06 13.10 2.33
C MET A 368 -14.48 13.30 1.83
N SER A 369 -14.62 14.09 0.78
CA SER A 369 -15.86 14.16 0.03
C SER A 369 -15.65 13.45 -1.30
N GLU A 370 -16.75 12.90 -1.80
CA GLU A 370 -16.76 12.04 -2.97
C GLU A 370 -17.89 12.48 -3.86
N ASN A 371 -17.59 13.03 -5.01
CA ASN A 371 -18.57 13.16 -6.07
C ASN A 371 -18.45 11.91 -6.92
N ARG A 372 -19.34 10.96 -6.70
CA ARG A 372 -19.26 9.64 -7.31
C ARG A 372 -20.39 9.50 -8.30
N LYS A 373 -20.04 9.21 -9.55
CA LYS A 373 -21.01 8.98 -10.59
C LYS A 373 -20.71 7.64 -11.25
N GLY A 374 -21.75 7.05 -11.77
CA GLY A 374 -21.66 5.78 -12.47
C GLY A 374 -22.46 5.86 -13.74
N TYR A 375 -21.89 5.37 -14.82
CA TYR A 375 -22.53 5.36 -16.13
C TYR A 375 -22.55 3.94 -16.67
N ASN A 376 -23.47 3.69 -17.59
CA ASN A 376 -23.38 2.50 -18.40
C ASN A 376 -22.04 2.51 -19.13
N ASN A 377 -21.37 1.36 -19.16
CA ASN A 377 -20.14 1.22 -19.92
C ASN A 377 -20.39 0.92 -21.38
N PHE A 378 -21.59 1.21 -21.86
CA PHE A 378 -21.95 0.89 -23.22
C PHE A 378 -22.86 1.99 -23.75
N ARG A 379 -22.88 2.11 -25.07
CA ARG A 379 -23.95 2.84 -25.76
C ARG A 379 -24.49 1.93 -26.84
N LEU A 380 -25.80 1.94 -27.03
CA LEU A 380 -26.45 0.99 -27.94
C LEU A 380 -26.35 1.51 -29.37
N ASN A 381 -25.71 0.72 -30.23
CA ASN A 381 -25.50 1.14 -31.62
C ASN A 381 -26.80 1.00 -32.42
N SER A 382 -27.28 -0.24 -32.58
CA SER A 382 -28.61 -0.46 -33.11
C SER A 382 -29.46 -1.15 -32.05
N GLY A 383 -29.00 -2.32 -31.59
CA GLY A 383 -29.54 -2.97 -30.43
C GLY A 383 -28.44 -3.65 -29.66
N MET A 384 -27.19 -3.34 -30.01
CA MET A 384 -26.01 -3.99 -29.47
C MET A 384 -25.19 -3.01 -28.66
N PRO A 385 -24.67 -3.41 -27.50
CA PRO A 385 -23.86 -2.48 -26.70
C PRO A 385 -22.45 -2.35 -27.25
N GLU A 386 -22.08 -1.14 -27.62
CA GLU A 386 -20.68 -0.80 -27.87
C GLU A 386 -20.09 -0.42 -26.53
N TYR A 387 -19.19 -1.26 -26.02
CA TYR A 387 -18.62 -1.10 -24.69
C TYR A 387 -17.42 -0.17 -24.72
N GLY A 388 -16.88 0.09 -23.53
CA GLY A 388 -15.80 1.03 -23.38
C GLY A 388 -16.22 2.48 -23.44
N GLN A 389 -17.52 2.75 -23.51
CA GLN A 389 -18.07 4.09 -23.65
C GLN A 389 -18.84 4.46 -22.39
N LYS A 390 -18.78 5.73 -22.02
CA LYS A 390 -19.61 6.25 -20.95
C LYS A 390 -21.03 6.40 -21.50
N GLY A 391 -21.94 5.61 -20.96
CA GLY A 391 -23.32 5.62 -21.35
C GLY A 391 -24.17 6.51 -20.47
N GLU A 392 -25.44 6.14 -20.34
CA GLU A 392 -26.35 6.92 -19.52
C GLU A 392 -25.91 6.93 -18.07
N LEU A 393 -26.15 8.06 -17.40
CA LEU A 393 -25.87 8.15 -15.97
C LEU A 393 -26.69 7.13 -15.21
N ARG A 394 -26.03 6.41 -14.32
CA ARG A 394 -26.67 5.35 -13.52
C ARG A 394 -26.48 5.54 -12.02
N ARG A 395 -25.55 6.38 -11.60
CA ARG A 395 -25.28 6.60 -10.19
C ARG A 395 -24.79 8.03 -10.05
N ASP A 396 -25.26 8.73 -9.02
CA ASP A 396 -24.83 10.11 -8.80
C ASP A 396 -25.04 10.41 -7.32
N GLU A 397 -23.95 10.51 -6.58
CA GLU A 397 -24.03 10.66 -5.13
C GLU A 397 -22.88 11.51 -4.65
N ARG A 398 -23.12 12.17 -3.52
CA ARG A 398 -22.10 12.89 -2.77
C ARG A 398 -21.89 12.14 -1.47
N ASN A 399 -20.76 11.45 -1.37
CA ASN A 399 -20.38 10.74 -0.16
C ASN A 399 -19.44 11.61 0.67
N LEU A 400 -19.48 11.41 1.98
CA LEU A 400 -18.68 12.17 2.91
C LEU A 400 -18.24 11.24 4.01
N MET A 401 -16.94 10.96 4.07
CA MET A 401 -16.40 10.12 5.13
C MET A 401 -15.32 10.91 5.85
N TRP A 402 -15.53 11.15 7.14
CA TRP A 402 -14.52 11.84 7.93
C TRP A 402 -14.35 11.12 9.25
N ASN A 403 -13.10 11.09 9.70
CA ASN A 403 -12.76 10.50 10.97
C ASN A 403 -12.09 11.55 11.84
N ILE A 404 -12.47 11.54 13.11
CA ILE A 404 -11.80 12.31 14.16
C ILE A 404 -11.30 11.30 15.19
N ASP A 405 -10.01 11.35 15.49
CA ASP A 405 -9.39 10.41 16.41
C ASP A 405 -8.53 11.18 17.39
N PRO A 406 -8.98 11.37 18.62
CA PRO A 406 -8.02 11.61 19.71
C PRO A 406 -7.18 10.37 19.90
N TYR A 407 -5.93 10.57 20.25
CA TYR A 407 -5.05 9.44 20.52
C TYR A 407 -4.02 9.86 21.57
N LEU A 408 -3.54 8.86 22.30
CA LEU A 408 -2.50 9.07 23.30
C LEU A 408 -1.62 7.83 23.27
N GLN A 409 -0.36 8.01 22.89
CA GLN A 409 0.64 6.96 22.95
C GLN A 409 1.59 7.29 24.09
N THR A 410 1.97 6.28 24.87
CA THR A 410 2.88 6.48 25.98
C THR A 410 3.97 5.43 25.92
N GLN A 411 5.15 5.84 26.37
CA GLN A 411 6.34 5.00 26.38
C GLN A 411 6.98 5.17 27.74
N TRP A 412 6.78 4.19 28.62
CA TRP A 412 7.30 4.23 29.97
C TRP A 412 8.59 3.41 30.02
N GLN A 413 9.60 3.93 30.68
CA GLN A 413 10.81 3.15 30.96
C GLN A 413 10.64 2.54 32.34
N LEU A 414 9.96 1.40 32.39
CA LEU A 414 9.68 0.76 33.68
C LEU A 414 10.96 0.41 34.41
N SER A 415 11.93 -0.14 33.69
CA SER A 415 13.27 -0.38 34.22
C SER A 415 14.26 -0.07 33.11
N GLU A 416 15.54 -0.18 33.44
CA GLU A 416 16.58 0.04 32.44
C GLU A 416 16.37 -0.85 31.22
N LYS A 417 15.88 -2.08 31.42
CA LYS A 417 15.68 -3.02 30.34
C LYS A 417 14.23 -3.15 29.90
N LEU A 418 13.27 -2.87 30.78
CA LEU A 418 11.86 -3.05 30.49
C LEU A 418 11.23 -1.71 30.14
N SER A 419 10.52 -1.68 29.02
CA SER A 419 9.79 -0.51 28.57
C SER A 419 8.39 -0.93 28.17
N LEU A 420 7.43 -0.03 28.38
CA LEU A 420 6.02 -0.29 28.10
C LEU A 420 5.49 0.79 27.17
N ASP A 421 5.16 0.41 25.95
CA ASP A 421 4.29 1.20 25.10
C ASP A 421 2.86 0.92 25.53
N ALA A 422 2.07 1.97 25.67
CA ALA A 422 0.65 1.86 25.95
C ALA A 422 -0.03 3.05 25.31
N GLY A 423 -0.84 2.80 24.29
CA GLY A 423 -1.54 3.86 23.61
C GLY A 423 -2.97 3.47 23.33
N VAL A 424 -3.78 4.48 23.08
CA VAL A 424 -5.17 4.29 22.69
C VAL A 424 -5.54 5.37 21.71
N ARG A 425 -6.16 4.97 20.61
CA ARG A 425 -6.77 5.89 19.67
C ARG A 425 -8.27 5.66 19.69
N TYR A 426 -9.03 6.71 19.97
CA TYR A 426 -10.48 6.65 19.85
C TYR A 426 -10.86 7.15 18.47
N SER A 427 -11.15 6.23 17.57
CA SER A 427 -11.46 6.57 16.19
C SER A 427 -12.97 6.69 16.04
N SER A 428 -13.44 7.86 15.60
CA SER A 428 -14.84 8.07 15.28
C SER A 428 -14.93 8.42 13.80
N VAL A 429 -15.58 7.55 13.03
CA VAL A 429 -15.69 7.68 11.60
C VAL A 429 -17.16 7.85 11.25
N TRP A 430 -17.49 8.96 10.60
CA TRP A 430 -18.83 9.19 10.10
C TRP A 430 -18.80 9.11 8.58
N PHE A 431 -19.70 8.32 8.04
CA PHE A 431 -19.93 8.21 6.61
C PHE A 431 -21.35 8.66 6.32
N ASP A 432 -21.51 9.38 5.21
CA ASP A 432 -22.81 9.90 4.81
C ASP A 432 -22.87 9.93 3.29
N SER A 433 -23.74 9.11 2.72
CA SER A 433 -23.99 9.11 1.29
C SER A 433 -25.28 9.87 1.03
N ASN A 434 -25.21 10.88 0.18
CA ASN A 434 -26.38 11.64 -0.27
C ASN A 434 -26.60 11.27 -1.73
N ASP A 435 -27.64 10.49 -1.98
CA ASP A 435 -27.86 9.94 -3.32
C ASP A 435 -28.62 10.94 -4.18
N HIS A 436 -28.00 11.36 -5.28
CA HIS A 436 -28.65 12.24 -6.25
C HIS A 436 -29.30 11.48 -7.40
N TYR A 437 -29.17 10.16 -7.43
CA TYR A 437 -29.69 9.34 -8.53
C TYR A 437 -30.93 8.62 -8.04
N VAL A 438 -32.09 9.18 -8.34
CA VAL A 438 -33.37 8.63 -7.91
C VAL A 438 -34.24 8.51 -9.16
N THR A 439 -34.38 7.28 -9.66
CA THR A 439 -35.17 7.00 -10.85
C THR A 439 -36.08 5.81 -10.57
N PRO A 440 -37.05 5.53 -11.44
CA PRO A 440 -37.89 4.33 -11.24
C PRO A 440 -37.02 3.08 -11.16
N GLY A 441 -37.21 2.33 -10.07
CA GLY A 441 -36.38 1.16 -9.81
C GLY A 441 -35.03 1.48 -9.21
N ASN A 442 -34.74 2.76 -8.97
CA ASN A 442 -33.49 3.18 -8.32
C ASN A 442 -33.87 4.34 -7.39
N GLY A 443 -34.16 4.02 -6.13
CA GLY A 443 -34.68 4.99 -5.19
C GLY A 443 -33.57 5.80 -4.54
N ASP A 444 -33.97 6.60 -3.57
CA ASP A 444 -33.01 7.37 -2.77
C ASP A 444 -32.18 6.41 -1.94
N ASP A 445 -30.92 6.25 -2.30
CA ASP A 445 -30.00 5.36 -1.60
C ASP A 445 -29.21 6.08 -0.53
N SER A 446 -29.60 7.30 -0.19
CA SER A 446 -28.91 8.06 0.84
C SER A 446 -28.89 7.29 2.15
N GLY A 447 -27.73 7.28 2.79
CA GLY A 447 -27.59 6.60 4.06
C GLY A 447 -26.46 7.22 4.84
N ASP A 448 -26.22 6.67 6.03
CA ASP A 448 -25.11 7.12 6.85
C ASP A 448 -24.73 6.01 7.81
N ALA A 449 -23.55 6.15 8.39
CA ALA A 449 -23.04 5.20 9.36
C ALA A 449 -22.02 5.91 10.24
N SER A 450 -21.86 5.41 11.45
CA SER A 450 -20.87 5.93 12.37
C SER A 450 -20.23 4.77 13.10
N TYR A 451 -18.90 4.71 13.06
CA TYR A 451 -18.13 3.69 13.75
C TYR A 451 -17.27 4.38 14.80
N HIS A 452 -17.45 4.01 16.06
CA HIS A 452 -16.69 4.58 17.17
C HIS A 452 -15.98 3.45 17.88
N LYS A 453 -14.67 3.36 17.69
CA LYS A 453 -13.90 2.25 18.20
C LYS A 453 -12.75 2.76 19.06
N TRP A 454 -12.62 2.18 20.25
CA TRP A 454 -11.42 2.33 21.04
C TRP A 454 -10.37 1.34 20.53
N LEU A 455 -9.18 1.84 20.22
CA LEU A 455 -8.09 1.04 19.68
C LEU A 455 -6.94 1.14 20.67
N PRO A 456 -6.91 0.29 21.69
CA PRO A 456 -5.74 0.22 22.56
C PRO A 456 -4.68 -0.71 22.01
N ALA A 457 -3.44 -0.30 22.16
CA ALA A 457 -2.28 -1.11 21.86
C ALA A 457 -1.28 -0.98 23.00
N GLY A 458 -0.57 -2.06 23.26
CA GLY A 458 0.47 -2.04 24.26
C GLY A 458 1.60 -2.93 23.81
N SER A 459 2.75 -2.77 24.47
CA SER A 459 3.92 -3.54 24.13
C SER A 459 4.89 -3.48 25.30
N LEU A 460 5.28 -4.63 25.81
CA LEU A 460 6.34 -4.73 26.79
C LEU A 460 7.61 -5.20 26.07
N LYS A 461 8.64 -4.36 26.08
CA LYS A 461 9.92 -4.70 25.47
C LYS A 461 10.96 -4.84 26.56
N TYR A 462 11.61 -6.00 26.59
CA TYR A 462 12.68 -6.29 27.53
C TYR A 462 13.98 -6.39 26.74
N ALA A 463 14.97 -5.61 27.14
CA ALA A 463 16.29 -5.65 26.52
C ALA A 463 17.05 -6.81 27.12
N MET A 464 17.04 -7.95 26.44
CA MET A 464 17.87 -9.08 26.84
C MET A 464 19.33 -8.66 26.97
N THR A 465 19.84 -7.99 25.94
CA THR A 465 21.16 -7.39 25.96
C THR A 465 21.06 -6.03 25.28
N ASP A 466 22.19 -5.33 25.20
CA ASP A 466 22.23 -4.09 24.44
C ASP A 466 21.90 -4.32 22.97
N ALA A 467 22.02 -5.55 22.50
CA ALA A 467 21.78 -5.89 21.10
C ALA A 467 20.54 -6.74 20.89
N TRP A 468 19.93 -7.26 21.97
CA TRP A 468 18.83 -8.22 21.86
C TRP A 468 17.64 -7.72 22.67
N ASN A 469 16.55 -7.39 21.98
CA ASN A 469 15.30 -7.01 22.60
C ASN A 469 14.23 -8.04 22.27
N ILE A 470 13.52 -8.50 23.30
CA ILE A 470 12.29 -9.26 23.11
C ILE A 470 11.15 -8.31 23.40
N TYR A 471 10.01 -8.56 22.78
CA TYR A 471 8.84 -7.72 23.02
C TYR A 471 7.58 -8.56 22.91
N LEU A 472 6.56 -8.10 23.61
CA LEU A 472 5.23 -8.69 23.57
C LEU A 472 4.26 -7.53 23.37
N ALA A 473 3.71 -7.43 22.17
CA ALA A 473 2.79 -6.37 21.79
C ALA A 473 1.39 -6.93 21.59
N ALA A 474 0.43 -6.32 22.26
CA ALA A 474 -0.98 -6.57 21.99
C ALA A 474 -1.55 -5.33 21.34
N GLY A 475 -2.61 -5.50 20.57
CA GLY A 475 -3.16 -4.37 19.85
C GLY A 475 -4.54 -4.65 19.31
N ARG A 476 -5.34 -3.60 19.21
CA ARG A 476 -6.66 -3.68 18.60
C ARG A 476 -6.64 -2.88 17.30
N GLY A 477 -6.91 -3.55 16.20
CA GLY A 477 -7.09 -2.92 14.92
C GLY A 477 -8.55 -2.83 14.55
N PHE A 478 -8.88 -1.84 13.75
CA PHE A 478 -10.26 -1.59 13.33
C PHE A 478 -10.25 -1.18 11.87
N GLU A 479 -11.19 -1.74 11.10
CA GLU A 479 -11.27 -1.47 9.67
C GLU A 479 -12.73 -1.26 9.31
N THR A 480 -13.07 -0.04 8.92
CA THR A 480 -14.37 0.21 8.36
C THR A 480 -14.38 -0.23 6.89
N PRO A 481 -15.54 -0.62 6.37
CA PRO A 481 -15.62 -0.87 4.93
C PRO A 481 -15.34 0.39 4.14
N THR A 482 -14.72 0.23 2.97
CA THR A 482 -14.57 1.37 2.08
C THR A 482 -15.94 1.74 1.50
N ILE A 483 -16.01 2.94 0.92
CA ILE A 483 -17.24 3.35 0.25
C ILE A 483 -17.57 2.39 -0.87
N ASN A 484 -16.57 2.01 -1.67
CA ASN A 484 -16.80 1.04 -2.73
C ASN A 484 -17.19 -0.32 -2.18
N GLU A 485 -16.70 -0.67 -0.99
CA GLU A 485 -17.10 -1.94 -0.40
C GLU A 485 -18.55 -1.90 0.08
N LEU A 486 -19.05 -0.73 0.45
CA LEU A 486 -20.45 -0.55 0.80
C LEU A 486 -21.35 -0.34 -0.41
N SER A 487 -20.77 -0.04 -1.57
CA SER A 487 -21.57 0.46 -2.68
C SER A 487 -22.54 -0.60 -3.23
N TYR A 488 -22.11 -1.85 -3.30
CA TYR A 488 -22.82 -2.85 -4.09
C TYR A 488 -23.35 -3.97 -3.21
N ARG A 489 -24.62 -4.31 -3.43
CA ARG A 489 -25.29 -5.38 -2.69
C ARG A 489 -25.25 -6.66 -3.49
N ALA A 490 -24.94 -7.77 -2.81
CA ALA A 490 -24.97 -9.06 -3.47
C ALA A 490 -26.35 -9.37 -4.04
N ASP A 491 -27.40 -8.83 -3.42
CA ASP A 491 -28.76 -9.08 -3.86
C ASP A 491 -29.15 -8.27 -5.09
N GLY A 492 -28.30 -7.36 -5.55
CA GLY A 492 -28.55 -6.63 -6.76
C GLY A 492 -29.48 -5.44 -6.62
N GLN A 493 -30.03 -5.21 -5.43
CA GLN A 493 -30.89 -4.07 -5.21
C GLN A 493 -30.05 -2.80 -5.15
N SER A 494 -30.70 -1.67 -5.43
CA SER A 494 -30.03 -0.40 -5.28
C SER A 494 -29.77 -0.12 -3.81
N GLY A 495 -28.82 0.76 -3.56
CA GLY A 495 -28.49 1.12 -2.20
C GLY A 495 -27.21 0.47 -1.74
N MET A 496 -26.58 1.10 -0.76
CA MET A 496 -25.32 0.61 -0.23
C MET A 496 -25.53 -0.67 0.55
N ASN A 497 -24.48 -1.48 0.58
CA ASN A 497 -24.42 -2.64 1.46
C ASN A 497 -24.00 -2.16 2.85
N LEU A 498 -24.91 -1.43 3.49
CA LEU A 498 -24.66 -0.87 4.81
C LEU A 498 -24.79 -1.92 5.91
N GLY A 499 -25.23 -3.12 5.57
CA GLY A 499 -25.16 -4.24 6.49
C GLY A 499 -23.74 -4.74 6.63
N LEU A 500 -22.85 -4.26 5.78
CA LEU A 500 -21.42 -4.56 5.90
C LEU A 500 -20.87 -3.95 7.17
N LYS A 501 -20.60 -4.77 8.16
CA LYS A 501 -20.09 -4.30 9.44
C LYS A 501 -18.61 -4.02 9.35
N PRO A 502 -18.10 -3.11 10.18
CA PRO A 502 -16.64 -2.98 10.32
C PRO A 502 -16.05 -4.19 11.00
N SER A 503 -14.77 -4.44 10.72
CA SER A 503 -14.04 -5.54 11.30
C SER A 503 -13.16 -5.04 12.44
N THR A 504 -13.05 -5.86 13.48
CA THR A 504 -12.18 -5.54 14.60
C THR A 504 -11.26 -6.74 14.86
N ASN A 505 -9.96 -6.48 14.95
CA ASN A 505 -9.00 -7.55 15.12
C ASN A 505 -8.22 -7.32 16.41
N ASP A 506 -8.01 -8.38 17.16
CA ASP A 506 -7.13 -8.38 18.32
C ASP A 506 -5.88 -9.14 17.94
N THR A 507 -4.73 -8.46 17.96
CA THR A 507 -3.46 -9.05 17.60
C THR A 507 -2.57 -9.12 18.83
N ILE A 508 -2.13 -10.33 19.16
CA ILE A 508 -1.06 -10.56 20.11
C ILE A 508 0.17 -10.91 19.30
N GLU A 509 1.34 -10.49 19.76
CA GLU A 509 2.57 -10.75 19.04
C GLU A 509 3.72 -10.77 20.02
N ILE A 510 4.58 -11.76 19.88
CA ILE A 510 5.86 -11.79 20.56
C ILE A 510 6.92 -11.64 19.49
N GLY A 511 8.08 -11.11 19.88
CA GLY A 511 9.12 -10.90 18.90
C GLY A 511 10.46 -10.72 19.57
N SER A 512 11.49 -10.80 18.76
CA SER A 512 12.86 -10.77 19.21
C SER A 512 13.72 -10.19 18.10
N LYS A 513 14.33 -9.05 18.37
CA LYS A 513 15.24 -8.41 17.44
C LYS A 513 16.64 -8.43 18.06
N THR A 514 17.60 -9.00 17.33
CA THR A 514 18.96 -9.08 17.82
C THR A 514 19.89 -8.55 16.74
N ARG A 515 20.76 -7.62 17.12
CA ARG A 515 21.83 -7.16 16.25
C ARG A 515 22.90 -8.25 16.19
N ILE A 516 23.18 -8.75 14.99
CA ILE A 516 24.09 -9.88 14.83
C ILE A 516 25.35 -9.38 14.14
N GLY A 517 25.71 -8.13 14.41
CA GLY A 517 26.87 -7.51 13.80
C GLY A 517 26.49 -6.25 13.07
N ASP A 518 26.85 -6.16 11.79
CA ASP A 518 26.31 -5.12 10.91
C ASP A 518 24.97 -5.53 10.33
N GLY A 519 24.02 -5.92 11.17
CA GLY A 519 22.75 -6.41 10.69
C GLY A 519 21.79 -6.69 11.82
N LEU A 520 20.56 -7.00 11.43
CA LEU A 520 19.48 -7.27 12.35
C LEU A 520 18.81 -8.58 12.01
N LEU A 521 18.52 -9.38 13.04
CA LEU A 521 17.75 -10.59 12.93
C LEU A 521 16.49 -10.41 13.75
N SER A 522 15.34 -10.39 13.08
CA SER A 522 14.06 -10.13 13.71
C SER A 522 13.17 -11.35 13.56
N LEU A 523 12.60 -11.82 14.65
CA LEU A 523 11.61 -12.88 14.65
C LEU A 523 10.34 -12.32 15.26
N ALA A 524 9.21 -12.58 14.64
CA ALA A 524 7.91 -12.20 15.18
C ALA A 524 6.98 -13.40 15.07
N LEU A 525 6.23 -13.66 16.14
CA LEU A 525 5.16 -14.65 16.14
C LEU A 525 3.90 -13.97 16.62
N PHE A 526 2.87 -13.97 15.80
CA PHE A 526 1.66 -13.22 16.09
C PHE A 526 0.43 -14.09 15.87
N GLN A 527 -0.61 -13.77 16.62
CA GLN A 527 -1.95 -14.28 16.38
C GLN A 527 -2.91 -13.09 16.34
N THR A 528 -3.65 -12.98 15.26
CA THR A 528 -4.67 -11.95 15.08
C THR A 528 -6.03 -12.63 14.91
N ASP A 529 -6.94 -12.37 15.84
CA ASP A 529 -8.31 -12.85 15.74
C ASP A 529 -9.19 -11.68 15.31
N THR A 530 -9.80 -11.82 14.13
CA THR A 530 -10.63 -10.76 13.56
C THR A 530 -12.09 -11.17 13.62
N ASP A 531 -12.92 -10.26 14.11
CA ASP A 531 -14.37 -10.38 14.05
C ASP A 531 -14.88 -9.53 12.90
N ASP A 532 -15.81 -10.10 12.13
CA ASP A 532 -16.49 -9.38 11.04
C ASP A 532 -15.49 -8.90 10.01
N GLU A 533 -14.47 -9.72 9.76
CA GLU A 533 -13.48 -9.39 8.74
C GLU A 533 -14.20 -9.11 7.42
N ILE A 534 -13.88 -7.99 6.79
CA ILE A 534 -14.47 -7.70 5.49
C ILE A 534 -13.75 -8.55 4.46
N VAL A 535 -14.53 -9.31 3.68
CA VAL A 535 -13.99 -10.19 2.66
C VAL A 535 -14.79 -10.00 1.38
N VAL A 536 -14.16 -10.33 0.26
CA VAL A 536 -14.87 -10.33 -1.01
C VAL A 536 -15.95 -11.40 -0.97
N ASP A 537 -17.19 -10.98 -1.22
CA ASP A 537 -18.30 -11.92 -1.40
C ASP A 537 -18.21 -12.49 -2.82
N SER A 538 -18.33 -11.61 -3.82
CA SER A 538 -18.22 -12.03 -5.20
C SER A 538 -17.66 -10.87 -6.02
N SER A 539 -17.02 -11.23 -7.14
CA SER A 539 -16.45 -10.25 -8.06
C SER A 539 -16.86 -10.61 -9.47
N SER A 540 -17.36 -9.63 -10.21
CA SER A 540 -17.75 -9.85 -11.60
C SER A 540 -17.50 -8.58 -12.39
N GLY A 541 -16.80 -8.72 -13.51
CA GLY A 541 -16.53 -7.59 -14.38
C GLY A 541 -15.73 -6.49 -13.72
N GLY A 542 -14.91 -6.84 -12.73
CA GLY A 542 -14.17 -5.85 -11.97
C GLY A 542 -14.94 -5.20 -10.84
N ARG A 543 -16.22 -5.53 -10.67
CA ARG A 543 -17.03 -5.00 -9.58
C ARG A 543 -17.16 -6.05 -8.50
N THR A 544 -17.00 -5.64 -7.25
CA THR A 544 -16.91 -6.55 -6.12
C THR A 544 -17.94 -6.19 -5.08
N THR A 545 -18.71 -7.19 -4.65
CA THR A 545 -19.52 -7.09 -3.44
C THR A 545 -18.71 -7.67 -2.29
N TYR A 546 -19.01 -7.24 -1.08
CA TYR A 546 -18.27 -7.66 0.09
C TYR A 546 -19.24 -8.10 1.18
N LYS A 547 -18.73 -8.98 2.04
CA LYS A 547 -19.48 -9.46 3.19
C LYS A 547 -18.56 -9.50 4.39
N ASN A 548 -19.11 -9.86 5.53
CA ASN A 548 -18.34 -10.03 6.76
C ASN A 548 -18.20 -11.51 7.07
N ALA A 549 -16.95 -11.97 7.10
CA ALA A 549 -16.62 -13.24 7.73
C ALA A 549 -16.71 -13.06 9.23
N GLY A 550 -17.54 -13.87 9.88
CA GLY A 550 -17.78 -13.68 11.29
C GLY A 550 -16.51 -13.74 12.11
N LYS A 551 -15.67 -14.75 11.85
CA LYS A 551 -14.47 -14.97 12.64
C LYS A 551 -13.36 -15.44 11.71
N THR A 552 -12.19 -14.82 11.82
CA THR A 552 -10.99 -15.29 11.14
C THR A 552 -9.84 -15.29 12.14
N ARG A 553 -8.89 -16.19 11.91
CA ARG A 553 -7.69 -16.27 12.72
C ARG A 553 -6.48 -16.27 11.82
N ARG A 554 -5.50 -15.44 12.14
CA ARG A 554 -4.19 -15.46 11.52
C ARG A 554 -3.17 -15.83 12.57
N GLN A 555 -2.40 -16.88 12.31
CA GLN A 555 -1.23 -17.21 13.12
C GLN A 555 -0.03 -17.16 12.19
N GLY A 556 0.97 -16.35 12.53
CA GLY A 556 2.08 -16.18 11.63
C GLY A 556 3.40 -16.01 12.35
N ALA A 557 4.45 -16.28 11.59
CA ALA A 557 5.81 -16.07 12.00
C ALA A 557 6.51 -15.29 10.90
N GLU A 558 7.34 -14.33 11.29
CA GLU A 558 8.07 -13.46 10.37
C GLU A 558 9.51 -13.43 10.82
N LEU A 559 10.37 -14.10 10.08
CA LEU A 559 11.81 -14.07 10.29
C LEU A 559 12.40 -13.14 9.24
N ALA A 560 13.27 -12.25 9.67
CA ALA A 560 14.00 -11.36 8.79
C ALA A 560 15.45 -11.33 9.25
N TRP A 561 16.35 -11.15 8.29
CA TRP A 561 17.77 -11.13 8.58
C TRP A 561 18.44 -10.26 7.53
N ASP A 562 18.79 -9.04 7.91
CA ASP A 562 19.62 -8.17 7.09
C ASP A 562 21.01 -8.18 7.66
N GLN A 563 22.03 -8.25 6.81
CA GLN A 563 23.40 -8.33 7.29
C GLN A 563 24.35 -7.80 6.22
N ARG A 564 25.24 -6.92 6.63
CA ARG A 564 26.32 -6.43 5.77
C ARG A 564 27.61 -7.11 6.19
N PHE A 565 28.27 -7.76 5.23
CA PHE A 565 29.51 -8.47 5.50
C PHE A 565 30.69 -7.65 4.97
N ALA A 566 31.88 -8.03 5.42
CA ALA A 566 33.11 -7.37 4.97
C ALA A 566 33.26 -7.51 3.46
N GLY A 567 33.38 -6.39 2.76
CA GLY A 567 33.57 -6.42 1.32
C GLY A 567 32.35 -6.03 0.53
N ASP A 568 31.58 -5.07 1.05
CA ASP A 568 30.41 -4.53 0.35
C ASP A 568 29.35 -5.58 0.07
N PHE A 569 29.24 -6.60 0.91
CA PHE A 569 28.27 -7.66 0.70
C PHE A 569 27.04 -7.44 1.57
N ARG A 570 25.88 -7.61 0.95
CA ARG A 570 24.58 -7.44 1.58
C ARG A 570 23.84 -8.75 1.49
N VAL A 571 23.21 -9.17 2.57
CA VAL A 571 22.33 -10.33 2.57
C VAL A 571 21.04 -9.95 3.25
N ASN A 572 19.94 -10.06 2.53
CA ASN A 572 18.60 -9.80 3.06
C ASN A 572 17.78 -11.06 2.88
N ALA A 573 17.55 -11.79 3.96
CA ALA A 573 16.70 -12.97 3.96
C ALA A 573 15.46 -12.68 4.78
N SER A 574 14.39 -13.39 4.48
CA SER A 574 13.16 -13.26 5.23
C SER A 574 12.25 -14.42 4.88
N TRP A 575 11.50 -14.87 5.87
CA TRP A 575 10.46 -15.87 5.67
C TRP A 575 9.23 -15.47 6.45
N THR A 576 8.09 -15.51 5.78
CA THR A 576 6.79 -15.30 6.39
C THR A 576 6.02 -16.60 6.32
N TRP A 577 5.56 -17.08 7.46
CA TRP A 577 4.56 -18.13 7.54
C TRP A 577 3.27 -17.49 8.03
N LEU A 578 2.16 -17.76 7.34
CA LEU A 578 0.88 -17.15 7.67
C LEU A 578 -0.22 -18.16 7.47
N ASP A 579 -0.73 -18.71 8.56
CA ASP A 579 -1.94 -19.51 8.56
C ASP A 579 -3.10 -18.55 8.78
N ALA A 580 -3.77 -18.17 7.71
CA ALA A 580 -4.93 -17.27 7.75
C ALA A 580 -6.15 -18.08 7.38
N THR A 581 -6.99 -18.37 8.36
CA THR A 581 -8.12 -19.28 8.17
C THR A 581 -9.41 -18.62 8.62
N TYR A 582 -10.50 -19.06 8.01
CA TYR A 582 -11.83 -18.70 8.47
C TYR A 582 -12.17 -19.52 9.71
N ARG A 583 -12.55 -18.82 10.78
CA ARG A 583 -13.07 -19.46 11.98
C ARG A 583 -14.59 -19.53 11.97
N SER A 584 -15.22 -19.07 10.88
CA SER A 584 -16.64 -19.20 10.67
C SER A 584 -16.87 -19.48 9.20
N ASN A 585 -18.06 -19.96 8.87
CA ASN A 585 -18.39 -20.27 7.49
C ASN A 585 -18.80 -18.99 6.77
N VAL A 586 -18.02 -18.61 5.75
CA VAL A 586 -18.33 -17.45 4.92
C VAL A 586 -18.96 -17.84 3.60
N CYS A 587 -19.00 -19.13 3.26
CA CYS A 587 -19.49 -19.57 1.97
C CYS A 587 -21.00 -19.80 2.03
N ASN A 588 -21.70 -19.38 0.98
CA ASN A 588 -23.15 -19.52 0.92
C ASN A 588 -23.61 -20.89 0.46
N GLU A 589 -22.70 -21.76 0.01
CA GLU A 589 -23.07 -23.06 -0.53
C GLU A 589 -22.35 -24.23 0.11
N GLN A 590 -21.32 -24.00 0.91
CA GLN A 590 -20.62 -25.08 1.59
C GLN A 590 -20.01 -24.53 2.87
N ASP A 591 -19.53 -25.44 3.71
CA ASP A 591 -18.85 -25.05 4.94
C ASP A 591 -17.38 -24.78 4.61
N CYS A 592 -17.02 -23.50 4.53
CA CYS A 592 -15.63 -23.09 4.35
C CYS A 592 -14.98 -22.73 5.68
N ASN A 593 -15.62 -23.08 6.80
CA ASN A 593 -15.00 -22.85 8.10
C ASN A 593 -13.72 -23.67 8.22
N GLY A 594 -12.65 -23.00 8.62
CA GLY A 594 -11.33 -23.61 8.65
C GLY A 594 -10.56 -23.51 7.36
N ASN A 595 -11.20 -23.06 6.27
CA ASN A 595 -10.49 -22.90 5.01
C ASN A 595 -9.50 -21.75 5.09
N ARG A 596 -8.46 -21.84 4.27
CA ARG A 596 -7.55 -20.72 4.12
C ARG A 596 -8.29 -19.52 3.56
N MET A 597 -8.03 -18.37 4.12
CA MET A 597 -8.55 -17.13 3.56
C MET A 597 -7.90 -16.89 2.19
N PRO A 598 -8.68 -16.61 1.15
CA PRO A 598 -8.09 -16.49 -0.18
C PRO A 598 -7.23 -15.24 -0.30
N GLY A 599 -6.34 -15.27 -1.30
CA GLY A 599 -5.47 -14.16 -1.58
C GLY A 599 -4.25 -14.06 -0.68
N ILE A 600 -4.09 -15.00 0.25
CA ILE A 600 -3.03 -14.94 1.26
C ILE A 600 -2.17 -16.19 1.10
N ALA A 601 -0.87 -15.99 0.88
CA ALA A 601 0.05 -17.09 0.82
C ALA A 601 0.40 -17.57 2.23
N ARG A 602 0.41 -18.89 2.42
CA ARG A 602 0.88 -19.43 3.70
C ARG A 602 2.34 -19.13 3.92
N ASN A 603 3.16 -19.22 2.87
CA ASN A 603 4.59 -19.01 2.99
C ASN A 603 5.07 -18.04 1.94
N MET A 604 5.92 -17.13 2.38
CA MET A 604 6.69 -16.26 1.51
C MET A 604 8.13 -16.31 1.97
N GLY A 605 9.04 -16.15 1.03
CA GLY A 605 10.46 -16.18 1.33
C GLY A 605 11.18 -15.23 0.41
N PHE A 606 12.24 -14.64 0.93
CA PHE A 606 13.09 -13.75 0.17
C PHE A 606 14.52 -13.99 0.60
N ALA A 607 15.43 -13.97 -0.35
CA ALA A 607 16.85 -14.14 -0.06
C ALA A 607 17.61 -13.42 -1.16
N SER A 608 18.14 -12.24 -0.84
CA SER A 608 18.94 -11.47 -1.77
C SER A 608 20.36 -11.39 -1.24
N ILE A 609 21.32 -11.60 -2.13
CA ILE A 609 22.72 -11.34 -1.87
C ILE A 609 23.19 -10.34 -2.90
N GLY A 610 23.77 -9.24 -2.43
CA GLY A 610 24.25 -8.21 -3.32
C GLY A 610 25.64 -7.72 -2.97
N TYR A 611 26.56 -7.79 -3.91
CA TYR A 611 27.87 -7.18 -3.79
C TYR A 611 27.73 -5.76 -4.33
N VAL A 612 27.64 -4.79 -3.44
CA VAL A 612 27.35 -3.41 -3.84
C VAL A 612 28.41 -2.47 -3.27
N PRO A 613 29.59 -2.41 -3.86
CA PRO A 613 30.59 -1.43 -3.41
C PRO A 613 30.16 -0.02 -3.77
N GLU A 614 30.82 0.95 -3.13
CA GLU A 614 30.44 2.34 -3.33
C GLU A 614 30.52 2.74 -4.80
N ASP A 615 31.48 2.19 -5.53
CA ASP A 615 31.66 2.49 -6.94
C ASP A 615 32.14 1.24 -7.64
N GLY A 616 32.28 1.34 -8.96
CA GLY A 616 32.71 0.21 -9.75
C GLY A 616 31.58 -0.75 -10.03
N TRP A 617 31.96 -1.99 -10.32
CA TRP A 617 31.00 -3.02 -10.65
C TRP A 617 30.28 -3.50 -9.40
N TYR A 618 28.97 -3.59 -9.47
CA TYR A 618 28.16 -4.17 -8.42
C TYR A 618 27.20 -5.17 -9.05
N ALA A 619 26.71 -6.09 -8.22
CA ALA A 619 25.83 -7.14 -8.70
C ALA A 619 24.96 -7.61 -7.54
N GLY A 620 23.94 -8.38 -7.88
CA GLY A 620 23.08 -8.95 -6.87
C GLY A 620 22.14 -9.94 -7.47
N THR A 621 21.67 -10.84 -6.62
CA THR A 621 20.67 -11.82 -7.00
C THR A 621 19.68 -11.93 -5.85
N GLU A 622 18.45 -12.32 -6.19
CA GLU A 622 17.39 -12.43 -5.19
C GLU A 622 16.46 -13.56 -5.59
N ALA A 623 16.26 -14.49 -4.67
CA ALA A 623 15.26 -15.54 -4.80
C ALA A 623 14.06 -15.14 -3.97
N ARG A 624 12.90 -15.12 -4.60
CA ARG A 624 11.64 -14.78 -3.96
C ARG A 624 10.69 -15.96 -4.12
N TYR A 625 10.40 -16.64 -3.02
CA TYR A 625 9.42 -17.71 -3.00
C TYR A 625 8.08 -17.17 -2.56
N MET A 626 7.04 -17.53 -3.29
CA MET A 626 5.67 -17.24 -2.91
C MET A 626 4.95 -18.57 -2.82
N GLY A 627 4.38 -18.85 -1.66
CA GLY A 627 3.52 -20.01 -1.54
C GLY A 627 2.28 -19.87 -2.40
N ASP A 628 1.66 -21.00 -2.70
CA ASP A 628 0.42 -20.97 -3.44
C ASP A 628 -0.63 -20.15 -2.70
N ILE A 629 -1.49 -19.48 -3.47
CA ILE A 629 -2.50 -18.59 -2.93
C ILE A 629 -3.87 -19.07 -3.37
N MET A 630 -4.77 -19.23 -2.42
CA MET A 630 -6.15 -19.59 -2.74
C MET A 630 -6.85 -18.41 -3.37
N ALA A 631 -7.61 -18.68 -4.44
CA ALA A 631 -8.32 -17.63 -5.15
C ALA A 631 -9.79 -17.54 -4.77
N ASP A 632 -10.29 -18.46 -3.96
CA ASP A 632 -11.70 -18.46 -3.57
C ASP A 632 -11.82 -18.97 -2.13
N ASP A 633 -12.94 -18.62 -1.50
CA ASP A 633 -13.18 -19.07 -0.14
C ASP A 633 -13.22 -20.58 -0.05
N GLU A 634 -13.76 -21.24 -1.07
CA GLU A 634 -13.86 -22.69 -1.10
C GLU A 634 -12.51 -23.38 -1.19
N ASN A 635 -11.44 -22.63 -1.48
CA ASN A 635 -10.10 -23.19 -1.61
C ASN A 635 -10.05 -24.23 -2.72
N THR A 636 -10.79 -23.98 -3.80
CA THR A 636 -10.77 -24.84 -4.97
C THR A 636 -9.89 -24.30 -6.08
N ALA A 637 -9.76 -22.98 -6.17
CA ALA A 637 -8.91 -22.32 -7.15
C ALA A 637 -7.67 -21.82 -6.44
N LYS A 638 -6.51 -22.04 -7.05
CA LYS A 638 -5.23 -21.88 -6.36
C LYS A 638 -4.21 -21.33 -7.35
N ALA A 639 -3.63 -20.19 -7.02
CA ALA A 639 -2.45 -19.73 -7.73
C ALA A 639 -1.26 -20.56 -7.27
N PRO A 640 -0.55 -21.23 -8.17
CA PRO A 640 0.56 -22.10 -7.72
C PRO A 640 1.67 -21.29 -7.08
N SER A 641 2.39 -21.94 -6.16
CA SER A 641 3.58 -21.34 -5.60
C SER A 641 4.63 -21.16 -6.70
N TYR A 642 5.57 -20.27 -6.46
CA TYR A 642 6.60 -20.02 -7.47
C TYR A 642 7.85 -19.47 -6.79
N THR A 643 8.98 -19.75 -7.41
CA THR A 643 10.26 -19.17 -7.03
C THR A 643 10.73 -18.30 -8.17
N LEU A 644 10.97 -17.03 -7.90
CA LEU A 644 11.45 -16.06 -8.87
C LEU A 644 12.89 -15.70 -8.52
N VAL A 645 13.81 -15.96 -9.44
CA VAL A 645 15.19 -15.57 -9.26
C VAL A 645 15.46 -14.35 -10.14
N GLY A 646 15.79 -13.25 -9.51
CA GLY A 646 16.18 -12.05 -10.20
C GLY A 646 17.68 -11.85 -10.05
N LEU A 647 18.28 -11.24 -11.06
CA LEU A 647 19.69 -10.93 -11.06
C LEU A 647 19.85 -9.51 -11.57
N PHE A 648 20.87 -8.82 -11.08
CA PHE A 648 21.19 -7.51 -11.60
C PHE A 648 22.69 -7.33 -11.50
N THR A 649 23.22 -6.50 -12.39
CA THR A 649 24.62 -6.14 -12.37
C THR A 649 24.74 -4.77 -13.00
N GLY A 650 25.54 -3.90 -12.39
CA GLY A 650 25.73 -2.58 -12.90
C GLY A 650 27.13 -2.09 -12.62
N TYR A 651 27.38 -0.88 -13.05
CA TYR A 651 28.64 -0.19 -12.83
C TYR A 651 28.31 1.24 -12.43
N LYS A 652 28.86 1.68 -11.31
CA LYS A 652 28.80 3.07 -10.89
C LYS A 652 30.14 3.73 -11.20
N TYR A 653 30.10 4.80 -11.99
CA TYR A 653 31.29 5.55 -12.33
C TYR A 653 31.20 6.93 -11.68
N ASN A 654 32.19 7.27 -10.89
CA ASN A 654 32.31 8.58 -10.27
C ASN A 654 33.41 9.35 -10.97
N TYR A 655 33.07 10.52 -11.51
CA TYR A 655 34.00 11.43 -12.16
C TYR A 655 33.74 12.79 -11.52
N HIS A 656 34.40 13.07 -10.40
CA HIS A 656 34.21 14.31 -9.68
C HIS A 656 32.74 14.54 -9.31
N ASN A 657 32.06 15.45 -10.00
CA ASN A 657 30.68 15.80 -9.68
C ASN A 657 29.68 14.88 -10.36
N LEU A 658 30.13 13.99 -11.23
CA LEU A 658 29.24 13.18 -12.05
C LEU A 658 29.26 11.74 -11.56
N THR A 659 28.08 11.15 -11.44
CA THR A 659 27.93 9.72 -11.18
C THR A 659 27.05 9.13 -12.26
N VAL A 660 27.57 8.12 -12.95
CA VAL A 660 26.80 7.38 -13.94
C VAL A 660 26.66 5.95 -13.43
N ASP A 661 25.44 5.57 -13.08
CA ASP A 661 25.13 4.23 -12.63
C ASP A 661 24.37 3.52 -13.73
N LEU A 662 25.04 2.64 -14.46
CA LEU A 662 24.41 1.83 -15.48
C LEU A 662 24.14 0.46 -14.88
N PHE A 663 23.02 -0.15 -15.23
CA PHE A 663 22.75 -1.48 -14.71
C PHE A 663 21.82 -2.23 -15.66
N GLY A 664 21.98 -3.53 -15.64
CA GLY A 664 21.06 -4.43 -16.32
C GLY A 664 20.58 -5.48 -15.34
N ARG A 665 19.28 -5.75 -15.38
CA ARG A 665 18.66 -6.72 -14.51
C ARG A 665 17.84 -7.69 -15.35
N VAL A 666 17.75 -8.92 -14.87
CA VAL A 666 16.86 -9.93 -15.41
C VAL A 666 16.00 -10.43 -14.26
N ASP A 667 14.69 -10.20 -14.37
CA ASP A 667 13.74 -10.69 -13.40
C ASP A 667 13.12 -11.98 -13.93
N ASN A 668 12.78 -12.86 -12.98
CA ASN A 668 12.33 -14.22 -13.30
C ASN A 668 13.36 -14.91 -14.19
N LEU A 669 14.58 -15.00 -13.65
CA LEU A 669 15.71 -15.52 -14.42
C LEU A 669 15.41 -16.87 -15.04
N PHE A 670 14.72 -17.74 -14.32
CA PHE A 670 14.45 -19.09 -14.79
C PHE A 670 13.14 -19.21 -15.53
N ASP A 671 12.51 -18.08 -15.87
CA ASP A 671 11.36 -18.07 -16.78
C ASP A 671 10.21 -18.89 -16.21
N LYS A 672 10.00 -18.75 -14.91
CA LYS A 672 8.93 -19.49 -14.24
C LYS A 672 7.57 -18.92 -14.65
N GLU A 673 6.66 -19.81 -15.04
CA GLU A 673 5.28 -19.43 -15.35
C GLU A 673 4.51 -19.42 -14.04
N TYR A 674 3.95 -18.27 -13.69
CA TYR A 674 3.23 -18.12 -12.44
C TYR A 674 2.22 -16.99 -12.56
N VAL A 675 1.37 -16.88 -11.55
CA VAL A 675 0.35 -15.85 -11.46
C VAL A 675 0.76 -14.91 -10.34
N GLY A 676 0.93 -13.64 -10.67
CA GLY A 676 1.45 -12.71 -9.69
C GLY A 676 0.42 -12.13 -8.76
N SER A 677 -0.85 -12.36 -9.06
CA SER A 677 -1.94 -11.80 -8.28
C SER A 677 -3.21 -12.57 -8.63
N VAL A 678 -4.12 -12.66 -7.66
CA VAL A 678 -5.40 -13.31 -7.89
C VAL A 678 -6.50 -12.30 -7.64
N ILE A 679 -7.63 -12.54 -8.29
CA ILE A 679 -8.85 -11.78 -8.05
C ILE A 679 -9.74 -12.71 -7.25
N VAL A 680 -9.84 -12.47 -5.95
CA VAL A 680 -10.49 -13.40 -5.04
C VAL A 680 -11.97 -13.53 -5.40
N ASN A 681 -12.46 -14.77 -5.39
CA ASN A 681 -13.87 -15.07 -5.56
C ASN A 681 -14.43 -14.49 -6.86
N GLU A 682 -13.60 -14.46 -7.91
CA GLU A 682 -14.08 -14.04 -9.22
C GLU A 682 -15.23 -14.95 -9.65
N SER A 683 -16.41 -14.36 -9.86
CA SER A 683 -17.60 -15.15 -10.09
C SER A 683 -17.49 -16.03 -11.32
N ASN A 684 -16.69 -15.63 -12.31
CA ASN A 684 -16.48 -16.41 -13.52
C ASN A 684 -15.18 -17.21 -13.48
N GLY A 685 -14.55 -17.28 -12.32
CA GLY A 685 -13.30 -18.00 -12.17
C GLY A 685 -12.13 -17.33 -12.87
N ARG A 686 -12.27 -16.04 -13.17
CA ARG A 686 -11.18 -15.28 -13.79
C ARG A 686 -10.24 -14.75 -12.71
N TYR A 687 -9.76 -15.69 -11.90
CA TYR A 687 -8.94 -15.36 -10.74
C TYR A 687 -7.57 -14.82 -11.12
N TYR A 688 -7.00 -15.29 -12.22
CA TYR A 688 -5.56 -15.28 -12.39
C TYR A 688 -5.09 -14.05 -13.16
N GLU A 689 -4.13 -13.36 -12.57
CA GLU A 689 -3.42 -12.24 -13.20
C GLU A 689 -2.01 -12.74 -13.47
N PRO A 690 -1.76 -13.25 -14.69
CA PRO A 690 -0.45 -13.85 -14.96
C PRO A 690 0.67 -12.83 -14.89
N SER A 691 1.84 -13.32 -14.55
CA SER A 691 3.04 -12.50 -14.47
C SER A 691 3.98 -12.82 -15.62
N PRO A 692 4.87 -11.89 -15.95
CA PRO A 692 5.57 -11.96 -17.24
C PRO A 692 6.27 -13.27 -17.58
N GLY A 693 7.21 -13.72 -16.76
CA GLY A 693 8.25 -14.60 -17.23
C GLY A 693 9.58 -13.90 -17.20
N ARG A 694 10.59 -14.54 -17.80
CA ARG A 694 11.90 -13.92 -17.82
C ARG A 694 11.84 -12.60 -18.57
N ASN A 695 12.17 -11.52 -17.87
CA ASN A 695 12.10 -10.19 -18.43
C ASN A 695 13.36 -9.45 -18.03
N TYR A 696 13.64 -8.35 -18.74
CA TYR A 696 14.90 -7.65 -18.59
C TYR A 696 14.66 -6.17 -18.44
N GLY A 697 15.66 -5.50 -17.89
CA GLY A 697 15.68 -4.06 -17.82
C GLY A 697 17.10 -3.56 -17.83
N VAL A 698 17.27 -2.35 -18.32
CA VAL A 698 18.52 -1.62 -18.25
C VAL A 698 18.19 -0.20 -17.78
N GLY A 699 18.92 0.26 -16.79
CA GLY A 699 18.73 1.60 -16.27
C GLY A 699 20.02 2.37 -16.24
N MET A 700 19.89 3.69 -16.32
CA MET A 700 20.99 4.62 -16.17
C MET A 700 20.56 5.72 -15.22
N ASN A 701 21.40 5.98 -14.23
CA ASN A 701 21.20 7.06 -13.28
C ASN A 701 22.38 8.01 -13.39
N ILE A 702 22.15 9.19 -13.96
CA ILE A 702 23.19 10.20 -14.13
C ILE A 702 22.92 11.30 -13.12
N ALA A 703 23.81 11.42 -12.14
CA ALA A 703 23.69 12.42 -11.09
C ALA A 703 24.83 13.43 -11.26
N TRP A 704 24.48 14.71 -11.14
CA TRP A 704 25.46 15.80 -11.15
C TRP A 704 25.35 16.52 -9.81
N ARG A 705 26.47 16.61 -9.10
CA ARG A 705 26.52 17.30 -7.82
C ARG A 705 27.12 18.69 -8.03
N PHE A 706 26.34 19.72 -7.75
CA PHE A 706 26.82 21.09 -7.85
C PHE A 706 27.66 21.44 -6.63
CA CA B . -30.54 5.69 -6.15
N1 PQQ C . -14.60 0.84 -8.34
C2 PQQ C . -15.15 -0.31 -8.82
C2X PQQ C . -16.62 -0.65 -8.69
O2A PQQ C . -16.98 -1.79 -8.97
O2B PQQ C . -17.31 0.32 -8.31
C3 PQQ C . -14.15 -1.02 -9.43
C3A PQQ C . -12.96 -0.26 -9.31
C1A PQQ C . -13.30 0.91 -8.61
C4 PQQ C . -11.64 -0.54 -9.75
O4 PQQ C . -11.28 -1.53 -10.36
C5 PQQ C . -10.61 0.56 -9.41
O5 PQQ C . -9.47 0.38 -9.77
C6A PQQ C . -11.03 1.79 -8.66
N6 PQQ C . -10.06 2.64 -8.44
C7 PQQ C . -10.31 3.76 -7.79
C7X PQQ C . -9.16 4.76 -7.54
O7A PQQ C . -9.45 5.78 -6.91
O7B PQQ C . -8.07 4.41 -8.02
C8 PQQ C . -11.60 4.04 -7.34
C9 PQQ C . -12.65 3.17 -7.56
C9X PQQ C . -14.02 3.62 -7.00
O9A PQQ C . -13.97 4.14 -5.89
O9B PQQ C . -15.04 3.42 -7.69
C9A PQQ C . -12.37 1.98 -8.26
HN1 PQQ C . -14.99 1.48 -7.91
H3 PQQ C . -14.25 -1.85 -9.84
H8 PQQ C . -11.75 4.83 -6.89
#